data_8K7G
#
_entry.id   8K7G
#
_cell.length_a   90.642
_cell.length_b   90.642
_cell.length_c   216.110
_cell.angle_alpha   90.000
_cell.angle_beta   90.000
_cell.angle_gamma   120.000
#
_symmetry.space_group_name_H-M   'P 32 2 1'
#
loop_
_entity.id
_entity.type
_entity.pdbx_description
1 polymer 'Alpha-galactosidase A'
2 branched alpha-D-mannopyranose-(1-3)-beta-D-mannopyranose-(1-4)-2-acetamido-2-deoxy-beta-D-glucopyranose-(1-4)-2-acetamido-2-deoxy-beta-D-glucopyranose
3 branched 2-acetamido-2-deoxy-beta-D-glucopyranose-(1-4)-2-acetamido-2-deoxy-beta-D-glucopyranose
4 non-polymer 2-acetamido-2-deoxy-beta-D-glucopyranose
5 non-polymer (2~{R},3~{R},4~{S},5~{R})-2,5-bis(hydroxymethyl)pyrrolidine-3,4-diol
6 non-polymer 'SULFATE ION'
7 water water
#
_entity_poly.entity_id   1
_entity_poly.type   'polypeptide(L)'
_entity_poly.pdbx_seq_one_letter_code
;LDNGLARTPTMGWLHWERFMCNLDCQEEPDSCISEKLFMEMAELMVSEGWKDAGYEYLCIDDCWMAPQRDSEGRLQADPQ
RFPHGIRQLANYVHSKGLKLGIYADVGNKTCAGFPGSFGYYDIDAQTFADWGVDLLKFDGCYCDSLENLADGYKHMSLAL
NRTGRSIVYSCEWPLYMWPFQKPNYTEIRQYCNHWRNFADIDDSWKSIKSILDWTSFNQERIVDVAGPGGWNDPDMLVIG
NFGLSWNQQVTQMALWAIMAAPLFMSNDLRHISPQAKALLQDKDVIAINQDPLGKQGYQLRQGDNFEVWERPLSGLAWAV
AMINRQEIGGPRSYTIAVASLGKGVACNPACFITQLLPVKRKLGFYEWTSRLRSHINPTGTVLLQLENTMQMSLKDLL
;
_entity_poly.pdbx_strand_id   A,B
#
# COMPACT_ATOMS: atom_id res chain seq x y z
N LEU A 1 -19.09 -11.47 -27.67
CA LEU A 1 -19.23 -12.81 -28.23
C LEU A 1 -20.61 -13.35 -27.91
N ASP A 2 -21.38 -13.66 -28.96
CA ASP A 2 -22.75 -14.13 -28.82
C ASP A 2 -22.80 -15.66 -28.68
N ASN A 3 -22.15 -16.17 -27.62
CA ASN A 3 -22.18 -17.60 -27.33
C ASN A 3 -23.06 -17.93 -26.13
N GLY A 4 -23.87 -16.98 -25.67
CA GLY A 4 -24.72 -17.22 -24.52
C GLY A 4 -24.00 -17.22 -23.20
N LEU A 5 -22.71 -16.89 -23.18
CA LEU A 5 -21.91 -16.89 -21.96
C LEU A 5 -21.52 -15.47 -21.57
N ALA A 6 -21.08 -15.35 -20.31
CA ALA A 6 -20.63 -14.08 -19.76
C ALA A 6 -21.71 -13.01 -19.92
N ARG A 7 -22.97 -13.41 -19.68
CA ARG A 7 -24.05 -12.43 -19.69
C ARG A 7 -23.92 -11.44 -18.54
N THR A 8 -23.22 -11.81 -17.48
CA THR A 8 -22.67 -10.89 -16.49
C THR A 8 -21.16 -11.13 -16.46
N PRO A 9 -20.38 -10.20 -15.93
CA PRO A 9 -18.93 -10.43 -15.88
C PRO A 9 -18.58 -11.75 -15.20
N THR A 10 -17.70 -12.51 -15.84
CA THR A 10 -17.23 -13.78 -15.29
C THR A 10 -16.61 -13.59 -13.91
N MET A 11 -16.93 -14.51 -12.99
CA MET A 11 -16.41 -14.50 -11.64
C MET A 11 -15.68 -15.80 -11.35
N GLY A 12 -14.50 -15.71 -10.73
CA GLY A 12 -13.75 -16.90 -10.37
C GLY A 12 -12.38 -16.65 -9.77
N TRP A 13 -11.48 -17.61 -9.97
CA TRP A 13 -10.15 -17.59 -9.36
C TRP A 13 -9.11 -17.99 -10.41
N LEU A 14 -8.02 -17.24 -10.46
CA LEU A 14 -6.95 -17.43 -11.43
C LEU A 14 -5.61 -17.38 -10.70
N HIS A 15 -4.71 -18.31 -11.01
CA HIS A 15 -3.53 -18.46 -10.15
C HIS A 15 -2.40 -17.45 -10.42
N TRP A 16 -2.44 -16.71 -11.54
CA TRP A 16 -1.21 -16.08 -12.03
C TRP A 16 -0.60 -15.10 -11.02
N GLU A 17 -1.35 -14.10 -10.55
CA GLU A 17 -0.70 -13.04 -9.78
C GLU A 17 -0.08 -13.59 -8.50
N ARG A 18 -0.78 -14.46 -7.79
CA ARG A 18 -0.24 -14.91 -6.51
C ARG A 18 0.75 -16.06 -6.66
N PHE A 19 0.58 -16.95 -7.66
CA PHE A 19 1.42 -18.14 -7.75
C PHE A 19 2.36 -18.18 -8.95
N MET A 20 2.10 -17.40 -9.99
CA MET A 20 3.07 -17.17 -11.10
C MET A 20 3.49 -18.52 -11.69
N CYS A 21 4.75 -18.68 -12.07
CA CYS A 21 5.22 -19.87 -12.76
C CYS A 21 6.12 -20.70 -11.87
N ASN A 22 5.63 -21.04 -10.69
CA ASN A 22 6.39 -21.80 -9.70
C ASN A 22 6.38 -23.29 -10.07
N LEU A 23 7.51 -23.79 -10.55
CA LEU A 23 7.63 -25.19 -10.93
C LEU A 23 8.39 -26.02 -9.89
N ASP A 24 8.82 -25.42 -8.79
CA ASP A 24 9.63 -26.11 -7.78
C ASP A 24 8.74 -26.87 -6.80
N CYS A 25 8.20 -27.98 -7.29
CA CYS A 25 7.36 -28.80 -6.41
C CYS A 25 8.16 -29.59 -5.39
N GLN A 26 9.47 -29.75 -5.61
CA GLN A 26 10.30 -30.45 -4.63
C GLN A 26 10.48 -29.62 -3.38
N GLU A 27 10.85 -28.35 -3.54
CA GLU A 27 11.13 -27.49 -2.39
C GLU A 27 9.90 -26.72 -1.92
N GLU A 28 8.94 -26.43 -2.81
CA GLU A 28 7.73 -25.70 -2.48
C GLU A 28 6.50 -26.46 -2.97
N PRO A 29 6.25 -27.64 -2.41
CA PRO A 29 5.11 -28.45 -2.89
C PRO A 29 3.75 -27.76 -2.77
N ASP A 30 3.60 -26.85 -1.80
CA ASP A 30 2.30 -26.25 -1.52
C ASP A 30 1.99 -25.04 -2.38
N SER A 31 2.97 -24.48 -3.08
CA SER A 31 2.78 -23.29 -3.89
C SER A 31 3.10 -23.50 -5.36
N CYS A 32 3.55 -24.68 -5.75
CA CYS A 32 3.91 -24.88 -7.15
C CYS A 32 2.66 -25.12 -7.98
N ILE A 33 2.77 -24.85 -9.28
CA ILE A 33 1.63 -24.99 -10.18
C ILE A 33 1.38 -26.48 -10.39
N SER A 34 0.37 -26.99 -9.70
CA SER A 34 0.12 -28.43 -9.72
C SER A 34 -1.37 -28.70 -9.56
N GLU A 35 -1.74 -29.92 -9.94
CA GLU A 35 -3.11 -30.40 -9.78
C GLU A 35 -3.58 -30.29 -8.33
N LYS A 36 -2.67 -30.53 -7.38
CA LYS A 36 -3.03 -30.47 -5.97
C LYS A 36 -3.45 -29.07 -5.55
N LEU A 37 -2.71 -28.06 -6.01
CA LEU A 37 -3.08 -26.67 -5.72
C LEU A 37 -4.50 -26.37 -6.17
N PHE A 38 -4.84 -26.79 -7.39
CA PHE A 38 -6.17 -26.48 -7.92
C PHE A 38 -7.26 -27.27 -7.18
N MET A 39 -7.00 -28.53 -6.83
CA MET A 39 -7.96 -29.27 -6.01
C MET A 39 -8.21 -28.57 -4.68
N GLU A 40 -7.15 -28.05 -4.06
CA GLU A 40 -7.31 -27.35 -2.79
C GLU A 40 -8.17 -26.10 -2.94
N MET A 41 -7.90 -25.30 -3.98
CA MET A 41 -8.69 -24.11 -4.24
C MET A 41 -10.15 -24.46 -4.53
N ALA A 42 -10.40 -25.55 -5.26
CA ALA A 42 -11.78 -25.95 -5.56
C ALA A 42 -12.52 -26.31 -4.27
N GLU A 43 -11.88 -27.11 -3.42
CA GLU A 43 -12.50 -27.49 -2.16
C GLU A 43 -12.85 -26.27 -1.34
N LEU A 44 -11.92 -25.31 -1.27
CA LEU A 44 -12.17 -24.13 -0.45
C LEU A 44 -13.21 -23.21 -1.09
N MET A 45 -13.26 -23.15 -2.43
CA MET A 45 -14.28 -22.36 -3.10
C MET A 45 -15.66 -22.85 -2.70
N VAL A 46 -15.81 -24.16 -2.56
CA VAL A 46 -17.07 -24.70 -2.06
C VAL A 46 -17.24 -24.42 -0.56
N SER A 47 -16.26 -24.85 0.25
CA SER A 47 -16.47 -24.88 1.69
C SER A 47 -16.49 -23.48 2.32
N GLU A 48 -15.78 -22.51 1.73
CA GLU A 48 -15.67 -21.18 2.32
C GLU A 48 -16.61 -20.15 1.71
N GLY A 49 -17.66 -20.60 1.00
CA GLY A 49 -18.68 -19.68 0.53
C GLY A 49 -18.37 -18.94 -0.76
N TRP A 50 -17.27 -19.26 -1.45
CA TRP A 50 -16.93 -18.52 -2.68
C TRP A 50 -17.92 -18.81 -3.79
N LYS A 51 -18.28 -20.08 -3.98
CA LYS A 51 -19.25 -20.45 -5.00
C LYS A 51 -20.61 -19.79 -4.72
N ASP A 52 -21.05 -19.84 -3.46
CA ASP A 52 -22.29 -19.17 -3.05
C ASP A 52 -22.28 -17.68 -3.41
N ALA A 53 -21.12 -17.03 -3.32
CA ALA A 53 -21.06 -15.60 -3.63
C ALA A 53 -21.04 -15.33 -5.13
N GLY A 54 -20.75 -16.33 -5.96
CA GLY A 54 -20.75 -16.16 -7.40
C GLY A 54 -19.44 -16.51 -8.08
N TYR A 55 -18.37 -16.74 -7.34
CA TYR A 55 -17.08 -17.13 -7.93
C TYR A 55 -17.19 -18.57 -8.41
N GLU A 56 -17.25 -18.76 -9.71
CA GLU A 56 -17.62 -20.04 -10.31
C GLU A 56 -16.51 -20.68 -11.14
N TYR A 57 -15.61 -19.90 -11.73
CA TYR A 57 -14.60 -20.42 -12.66
C TYR A 57 -13.25 -20.55 -11.96
N LEU A 58 -12.77 -21.78 -11.83
CA LEU A 58 -11.45 -22.08 -11.31
C LEU A 58 -10.48 -22.24 -12.48
N CYS A 59 -9.57 -21.28 -12.64
CA CYS A 59 -8.83 -21.14 -13.88
C CYS A 59 -7.34 -21.38 -13.70
N ILE A 60 -6.80 -22.21 -14.56
CA ILE A 60 -5.36 -22.42 -14.67
C ILE A 60 -4.78 -21.36 -15.61
N ASP A 61 -3.68 -20.73 -15.19
CA ASP A 61 -2.97 -19.80 -16.06
C ASP A 61 -1.76 -20.50 -16.66
N ASP A 62 -0.74 -19.74 -17.03
CA ASP A 62 0.43 -20.32 -17.70
C ASP A 62 1.16 -21.29 -16.79
N CYS A 63 1.94 -22.18 -17.43
CA CYS A 63 2.85 -23.14 -16.79
C CYS A 63 2.14 -24.39 -16.26
N TRP A 64 1.10 -24.84 -16.96
CA TRP A 64 0.54 -26.16 -16.70
C TRP A 64 0.99 -27.22 -17.69
N MET A 65 1.53 -26.82 -18.84
CA MET A 65 1.79 -27.72 -19.96
C MET A 65 3.07 -28.53 -19.76
N ALA A 66 3.12 -29.67 -20.45
CA ALA A 66 4.37 -30.40 -20.61
C ALA A 66 5.30 -29.62 -21.55
N PRO A 67 6.61 -29.88 -21.48
CA PRO A 67 7.53 -29.13 -22.35
C PRO A 67 7.24 -29.26 -23.84
N GLN A 68 6.63 -30.36 -24.27
CA GLN A 68 6.36 -30.57 -25.68
C GLN A 68 5.00 -31.22 -25.87
N ARG A 69 4.55 -31.26 -27.11
CA ARG A 69 3.30 -31.94 -27.42
C ARG A 69 3.54 -33.46 -27.47
N ASP A 70 2.43 -34.20 -27.46
CA ASP A 70 2.53 -35.66 -27.45
C ASP A 70 2.79 -36.17 -28.88
N SER A 71 2.74 -37.49 -29.04
CA SER A 71 2.95 -38.08 -30.36
C SER A 71 1.87 -37.64 -31.35
N GLU A 72 0.66 -37.39 -30.86
CA GLU A 72 -0.46 -36.93 -31.67
C GLU A 72 -0.44 -35.44 -31.95
N GLY A 73 0.59 -34.71 -31.53
CA GLY A 73 0.61 -33.27 -31.72
C GLY A 73 -0.34 -32.48 -30.84
N ARG A 74 -0.89 -33.09 -29.79
CA ARG A 74 -1.79 -32.42 -28.86
C ARG A 74 -1.05 -31.94 -27.62
N LEU A 75 -1.55 -30.85 -27.04
CA LEU A 75 -1.02 -30.35 -25.78
C LEU A 75 -1.24 -31.37 -24.67
N GLN A 76 -0.31 -31.43 -23.73
CA GLN A 76 -0.45 -32.28 -22.56
C GLN A 76 -0.05 -31.49 -21.31
N ALA A 77 -0.74 -31.79 -20.21
CA ALA A 77 -0.35 -31.24 -18.93
C ALA A 77 0.94 -31.89 -18.46
N ASP A 78 1.66 -31.17 -17.61
CA ASP A 78 2.93 -31.68 -17.10
C ASP A 78 2.72 -33.03 -16.41
N PRO A 79 3.47 -34.08 -16.77
CA PRO A 79 3.21 -35.41 -16.19
C PRO A 79 3.45 -35.49 -14.69
N GLN A 80 4.45 -34.78 -14.16
CA GLN A 80 4.69 -34.82 -12.72
C GLN A 80 3.76 -33.89 -11.94
N ARG A 81 3.51 -32.68 -12.45
CA ARG A 81 2.70 -31.74 -11.68
C ARG A 81 1.20 -31.96 -11.88
N PHE A 82 0.80 -32.54 -13.02
CA PHE A 82 -0.59 -32.85 -13.31
C PHE A 82 -0.69 -34.32 -13.70
N PRO A 83 -0.42 -35.23 -12.75
CA PRO A 83 -0.35 -36.67 -13.09
C PRO A 83 -1.64 -37.23 -13.66
N HIS A 84 -2.80 -36.76 -13.21
CA HIS A 84 -4.05 -37.33 -13.71
C HIS A 84 -4.59 -36.62 -14.94
N GLY A 85 -3.99 -35.50 -15.34
CA GLY A 85 -4.36 -34.83 -16.57
C GLY A 85 -5.56 -33.91 -16.40
N ILE A 86 -5.68 -33.00 -17.37
CA ILE A 86 -6.64 -31.91 -17.26
C ILE A 86 -8.06 -32.43 -17.29
N ARG A 87 -8.34 -33.46 -18.08
CA ARG A 87 -9.71 -33.95 -18.14
C ARG A 87 -10.16 -34.47 -16.76
N GLN A 88 -9.26 -35.17 -16.06
CA GLN A 88 -9.59 -35.66 -14.72
C GLN A 88 -9.76 -34.52 -13.73
N LEU A 89 -8.89 -33.50 -13.81
CA LEU A 89 -9.07 -32.33 -12.96
C LEU A 89 -10.41 -31.64 -13.24
N ALA A 90 -10.76 -31.51 -14.52
CA ALA A 90 -12.05 -30.92 -14.91
C ALA A 90 -13.20 -31.73 -14.34
N ASN A 91 -13.09 -33.07 -14.36
CA ASN A 91 -14.11 -33.90 -13.75
C ASN A 91 -14.28 -33.57 -12.27
N TYR A 92 -13.19 -33.44 -11.54
CA TYR A 92 -13.28 -33.11 -10.13
C TYR A 92 -13.93 -31.74 -9.90
N VAL A 93 -13.42 -30.72 -10.60
CA VAL A 93 -13.95 -29.37 -10.47
C VAL A 93 -15.45 -29.35 -10.75
N HIS A 94 -15.87 -30.06 -11.81
CA HIS A 94 -17.30 -30.16 -12.12
C HIS A 94 -18.08 -30.88 -11.03
N SER A 95 -17.47 -31.88 -10.40
CA SER A 95 -18.18 -32.59 -9.35
C SER A 95 -18.39 -31.69 -8.14
N LYS A 96 -17.63 -30.61 -8.03
CA LYS A 96 -17.91 -29.62 -6.99
C LYS A 96 -18.92 -28.57 -7.42
N GLY A 97 -19.45 -28.66 -8.65
CA GLY A 97 -20.35 -27.63 -9.12
C GLY A 97 -19.67 -26.39 -9.64
N LEU A 98 -18.39 -26.49 -9.99
CA LEU A 98 -17.57 -25.39 -10.47
C LEU A 98 -17.21 -25.63 -11.93
N LYS A 99 -16.53 -24.65 -12.53
CA LYS A 99 -16.11 -24.72 -13.92
C LYS A 99 -14.61 -24.48 -14.00
N LEU A 100 -13.98 -25.06 -15.01
CA LEU A 100 -12.53 -25.02 -15.14
C LEU A 100 -12.13 -24.13 -16.32
N GLY A 101 -11.22 -23.19 -16.05
CA GLY A 101 -10.58 -22.43 -17.10
C GLY A 101 -9.15 -22.89 -17.28
N ILE A 102 -8.63 -22.77 -18.51
CA ILE A 102 -7.27 -23.14 -18.85
C ILE A 102 -6.67 -22.00 -19.69
N TYR A 103 -5.38 -22.13 -19.99
CA TYR A 103 -4.61 -21.07 -20.63
C TYR A 103 -3.92 -21.60 -21.89
N ALA A 104 -3.79 -20.72 -22.89
CA ALA A 104 -3.04 -21.03 -24.10
C ALA A 104 -2.59 -19.71 -24.73
N ASP A 105 -1.80 -19.80 -25.80
CA ASP A 105 -1.20 -18.63 -26.41
C ASP A 105 -1.39 -18.67 -27.92
N VAL A 106 -1.69 -17.51 -28.51
CA VAL A 106 -1.96 -17.43 -29.93
C VAL A 106 -0.69 -17.65 -30.77
N GLY A 107 0.48 -17.37 -30.20
CA GLY A 107 1.72 -17.42 -30.93
C GLY A 107 2.42 -18.77 -30.90
N ASN A 108 3.74 -18.72 -31.10
CA ASN A 108 4.54 -19.93 -31.18
C ASN A 108 4.90 -20.49 -29.82
N LYS A 109 4.93 -19.66 -28.78
CA LYS A 109 5.17 -20.11 -27.42
C LYS A 109 4.26 -19.34 -26.47
N THR A 110 3.99 -19.92 -25.30
CA THR A 110 3.36 -19.12 -24.27
C THR A 110 4.34 -18.09 -23.74
N CYS A 111 3.86 -17.13 -22.96
CA CYS A 111 4.76 -16.11 -22.42
C CYS A 111 5.87 -16.73 -21.57
N ALA A 112 5.60 -17.86 -20.92
CA ALA A 112 6.61 -18.53 -20.11
C ALA A 112 7.49 -19.50 -20.90
N GLY A 113 7.20 -19.73 -22.17
CA GLY A 113 8.05 -20.54 -23.02
C GLY A 113 7.57 -21.94 -23.30
N PHE A 114 6.33 -22.25 -23.00
CA PHE A 114 5.74 -23.55 -23.25
C PHE A 114 5.04 -23.55 -24.62
N PRO A 115 4.60 -24.73 -25.12
CA PRO A 115 4.02 -24.80 -26.47
C PRO A 115 2.94 -23.76 -26.78
N GLY A 116 3.16 -22.99 -27.85
CA GLY A 116 2.15 -22.10 -28.35
C GLY A 116 1.13 -22.82 -29.19
N SER A 117 0.08 -22.10 -29.56
CA SER A 117 -1.01 -22.72 -30.31
C SER A 117 -1.02 -22.37 -31.80
N PHE A 118 -0.14 -21.46 -32.24
CA PHE A 118 -0.05 -21.16 -33.67
C PHE A 118 0.18 -22.43 -34.47
N GLY A 119 -0.68 -22.68 -35.46
CA GLY A 119 -0.61 -23.89 -36.24
C GLY A 119 -1.46 -25.02 -35.72
N TYR A 120 -1.97 -24.91 -34.49
CA TYR A 120 -2.74 -25.98 -33.84
C TYR A 120 -4.08 -25.49 -33.30
N TYR A 121 -4.61 -24.37 -33.81
CA TYR A 121 -5.80 -23.75 -33.23
C TYR A 121 -6.96 -24.75 -33.17
N ASP A 122 -7.23 -25.47 -34.25
CA ASP A 122 -8.36 -26.40 -34.24
C ASP A 122 -8.08 -27.61 -33.36
N ILE A 123 -6.87 -28.17 -33.44
CA ILE A 123 -6.53 -29.28 -32.56
C ILE A 123 -6.63 -28.86 -31.11
N ASP A 124 -6.11 -27.67 -30.78
CA ASP A 124 -6.12 -27.24 -29.39
C ASP A 124 -7.53 -26.98 -28.89
N ALA A 125 -8.38 -26.33 -29.69
CA ALA A 125 -9.77 -26.12 -29.30
C ALA A 125 -10.49 -27.44 -29.08
N GLN A 126 -10.31 -28.41 -29.99
CA GLN A 126 -11.00 -29.68 -29.84
C GLN A 126 -10.47 -30.44 -28.62
N THR A 127 -9.16 -30.34 -28.36
CA THR A 127 -8.59 -30.93 -27.14
C THR A 127 -9.23 -30.35 -25.89
N PHE A 128 -9.30 -29.01 -25.81
CA PHE A 128 -9.90 -28.37 -24.64
C PHE A 128 -11.33 -28.84 -24.45
N ALA A 129 -12.12 -28.84 -25.55
CA ALA A 129 -13.50 -29.29 -25.44
C ALA A 129 -13.59 -30.74 -24.98
N ASP A 130 -12.71 -31.60 -25.50
CA ASP A 130 -12.72 -33.00 -25.08
C ASP A 130 -12.40 -33.12 -23.60
N TRP A 131 -11.51 -32.25 -23.11
CA TRP A 131 -11.14 -32.26 -21.70
C TRP A 131 -12.27 -31.77 -20.80
N GLY A 132 -13.27 -31.10 -21.35
CA GLY A 132 -14.30 -30.51 -20.51
C GLY A 132 -13.97 -29.13 -20.01
N VAL A 133 -13.05 -28.43 -20.66
CA VAL A 133 -12.69 -27.07 -20.27
C VAL A 133 -13.88 -26.15 -20.49
N ASP A 134 -14.10 -25.24 -19.53
CA ASP A 134 -15.21 -24.29 -19.57
C ASP A 134 -14.80 -22.85 -19.88
N LEU A 135 -13.50 -22.54 -19.92
CA LEU A 135 -13.03 -21.19 -20.18
C LEU A 135 -11.61 -21.27 -20.72
N LEU A 136 -11.27 -20.38 -21.66
CA LEU A 136 -9.92 -20.29 -22.19
C LEU A 136 -9.42 -18.85 -22.14
N LYS A 137 -8.28 -18.66 -21.47
CA LYS A 137 -7.51 -17.41 -21.51
C LYS A 137 -6.42 -17.58 -22.56
N PHE A 138 -6.41 -16.69 -23.54
CA PHE A 138 -5.60 -16.84 -24.75
C PHE A 138 -4.63 -15.68 -24.86
N ASP A 139 -3.36 -15.94 -24.55
CA ASP A 139 -2.33 -14.93 -24.43
C ASP A 139 -1.75 -14.59 -25.81
N GLY A 140 -1.02 -13.48 -25.88
CA GLY A 140 -0.50 -13.00 -27.16
C GLY A 140 1.01 -12.92 -27.35
N CYS A 141 1.80 -13.68 -26.58
CA CYS A 141 3.26 -13.63 -26.72
C CYS A 141 3.72 -14.40 -27.95
N TYR A 142 4.93 -14.07 -28.41
CA TYR A 142 5.62 -14.83 -29.46
C TYR A 142 4.75 -14.94 -30.71
N CYS A 143 4.37 -13.76 -31.21
CA CYS A 143 3.48 -13.62 -32.37
C CYS A 143 4.07 -12.50 -33.22
N ASP A 144 4.63 -12.87 -34.38
CA ASP A 144 5.47 -11.95 -35.11
C ASP A 144 4.73 -10.91 -35.96
N SER A 145 3.41 -11.00 -36.11
CA SER A 145 2.71 -10.03 -36.95
C SER A 145 1.35 -9.66 -36.38
N LEU A 146 0.95 -8.39 -36.54
CA LEU A 146 -0.40 -7.98 -36.19
C LEU A 146 -1.43 -8.84 -36.91
N GLU A 147 -1.16 -9.18 -38.17
CA GLU A 147 -2.08 -10.01 -38.93
C GLU A 147 -2.20 -11.41 -38.32
N ASN A 148 -1.07 -12.02 -37.94
CA ASN A 148 -1.15 -13.31 -37.28
C ASN A 148 -1.90 -13.19 -35.96
N LEU A 149 -1.66 -12.12 -35.21
CA LEU A 149 -2.41 -11.90 -33.96
C LEU A 149 -3.90 -11.93 -34.21
N ALA A 150 -4.38 -11.05 -35.09
CA ALA A 150 -5.81 -10.96 -35.39
C ALA A 150 -6.35 -12.29 -35.89
N ASP A 151 -5.71 -12.85 -36.92
CA ASP A 151 -6.13 -14.11 -37.49
C ASP A 151 -6.19 -15.21 -36.44
N GLY A 152 -5.20 -15.27 -35.55
CA GLY A 152 -5.19 -16.29 -34.51
C GLY A 152 -6.33 -16.15 -33.53
N TYR A 153 -6.58 -14.92 -33.06
CA TYR A 153 -7.68 -14.74 -32.12
C TYR A 153 -9.03 -15.08 -32.76
N LYS A 154 -9.28 -14.59 -33.98
CA LYS A 154 -10.54 -14.92 -34.65
C LYS A 154 -10.65 -16.41 -34.93
N HIS A 155 -9.57 -17.03 -35.41
CA HIS A 155 -9.58 -18.44 -35.73
C HIS A 155 -9.89 -19.28 -34.51
N MET A 156 -9.19 -19.02 -33.39
CA MET A 156 -9.46 -19.76 -32.17
C MET A 156 -10.89 -19.56 -31.71
N SER A 157 -11.42 -18.33 -31.84
CA SER A 157 -12.80 -18.08 -31.45
C SER A 157 -13.74 -19.00 -32.23
N LEU A 158 -13.54 -19.08 -33.55
CA LEU A 158 -14.40 -19.92 -34.37
C LEU A 158 -14.20 -21.41 -34.06
N ALA A 159 -12.95 -21.84 -33.84
CA ALA A 159 -12.71 -23.25 -33.55
C ALA A 159 -13.38 -23.68 -32.25
N LEU A 160 -13.34 -22.80 -31.25
CA LEU A 160 -14.05 -23.08 -30.02
C LEU A 160 -15.53 -23.23 -30.30
N ASN A 161 -16.10 -22.31 -31.09
CA ASN A 161 -17.52 -22.45 -31.45
C ASN A 161 -17.79 -23.81 -32.09
N ARG A 162 -16.91 -24.25 -32.99
CA ARG A 162 -17.14 -25.48 -33.74
C ARG A 162 -17.14 -26.72 -32.85
N THR A 163 -16.40 -26.69 -31.73
CA THR A 163 -16.42 -27.86 -30.86
C THR A 163 -17.80 -28.16 -30.30
N GLY A 164 -18.73 -27.19 -30.31
CA GLY A 164 -20.03 -27.39 -29.72
C GLY A 164 -20.09 -27.24 -28.22
N ARG A 165 -18.97 -27.08 -27.52
CA ARG A 165 -18.99 -26.89 -26.08
C ARG A 165 -19.00 -25.40 -25.75
N SER A 166 -19.78 -25.02 -24.74
CA SER A 166 -19.80 -23.66 -24.24
C SER A 166 -18.50 -23.35 -23.52
N ILE A 167 -17.69 -22.44 -24.06
CA ILE A 167 -16.38 -22.11 -23.49
C ILE A 167 -16.20 -20.60 -23.48
N VAL A 168 -16.08 -20.01 -22.28
CA VAL A 168 -15.78 -18.59 -22.17
C VAL A 168 -14.44 -18.30 -22.82
N TYR A 169 -14.40 -17.29 -23.68
CA TYR A 169 -13.20 -16.96 -24.45
C TYR A 169 -12.65 -15.62 -23.98
N SER A 170 -11.55 -15.68 -23.23
CA SER A 170 -10.90 -14.51 -22.64
C SER A 170 -9.64 -14.21 -23.45
N CYS A 171 -9.60 -13.02 -24.05
CA CYS A 171 -8.57 -12.64 -25.02
C CYS A 171 -7.64 -11.57 -24.45
N GLU A 172 -6.40 -11.56 -24.94
CA GLU A 172 -5.47 -10.46 -24.66
C GLU A 172 -5.14 -9.67 -25.92
N TRP A 173 -5.92 -9.88 -26.99
CA TRP A 173 -5.77 -9.20 -28.28
C TRP A 173 -5.54 -7.70 -28.19
N PRO A 174 -6.39 -6.91 -27.52
CA PRO A 174 -6.15 -5.44 -27.49
C PRO A 174 -4.81 -5.07 -26.88
N LEU A 175 -4.47 -5.70 -25.74
CA LEU A 175 -3.21 -5.40 -25.06
C LEU A 175 -2.01 -5.55 -26.00
N TYR A 176 -2.00 -6.61 -26.82
CA TYR A 176 -0.87 -6.80 -27.72
C TYR A 176 -0.98 -5.97 -29.00
N MET A 177 -2.18 -5.47 -29.34
CA MET A 177 -2.29 -4.61 -30.50
C MET A 177 -1.82 -3.19 -30.19
N TRP A 178 -2.30 -2.63 -29.05
CA TRP A 178 -2.17 -1.22 -28.67
C TRP A 178 -0.83 -0.53 -28.94
N PRO A 179 0.31 -1.15 -28.67
CA PRO A 179 1.58 -0.45 -28.98
C PRO A 179 1.75 -0.13 -30.46
N PHE A 180 1.08 -0.84 -31.37
CA PHE A 180 1.29 -0.73 -32.81
C PHE A 180 0.14 -0.08 -33.56
N GLN A 181 -1.11 -0.42 -33.26
CA GLN A 181 -2.23 0.30 -33.84
C GLN A 181 -3.42 0.21 -32.90
N LYS A 182 -4.37 1.11 -33.11
CA LYS A 182 -5.52 1.17 -32.21
C LYS A 182 -6.45 -0.01 -32.46
N PRO A 183 -6.83 -0.75 -31.43
CA PRO A 183 -7.72 -1.90 -31.65
C PRO A 183 -9.10 -1.44 -32.10
N ASN A 184 -9.75 -2.29 -32.89
CA ASN A 184 -11.16 -2.10 -33.25
C ASN A 184 -11.97 -2.93 -32.27
N TYR A 185 -12.57 -2.26 -31.29
CA TYR A 185 -13.23 -2.97 -30.21
C TYR A 185 -14.53 -3.61 -30.64
N THR A 186 -15.18 -3.08 -31.68
CA THR A 186 -16.38 -3.72 -32.20
C THR A 186 -16.04 -5.11 -32.72
N GLU A 187 -14.91 -5.23 -33.41
CA GLU A 187 -14.44 -6.53 -33.90
C GLU A 187 -14.03 -7.45 -32.75
N ILE A 188 -13.26 -6.93 -31.80
CA ILE A 188 -12.83 -7.77 -30.70
C ILE A 188 -14.04 -8.33 -29.97
N ARG A 189 -15.03 -7.47 -29.70
CA ARG A 189 -16.24 -7.92 -29.03
C ARG A 189 -16.96 -8.99 -29.85
N GLN A 190 -16.96 -8.87 -31.19
CA GLN A 190 -17.49 -9.96 -32.01
C GLN A 190 -16.83 -11.29 -31.69
N TYR A 191 -15.54 -11.28 -31.36
CA TYR A 191 -14.88 -12.57 -31.20
C TYR A 191 -14.62 -12.99 -29.74
N CYS A 192 -14.79 -12.11 -28.75
CA CYS A 192 -14.30 -12.37 -27.40
C CYS A 192 -15.35 -12.09 -26.31
N ASN A 193 -15.35 -12.93 -25.25
CA ASN A 193 -16.23 -12.67 -24.10
C ASN A 193 -15.68 -11.61 -23.16
N HIS A 194 -14.37 -11.50 -23.03
CA HIS A 194 -13.77 -10.32 -22.42
C HIS A 194 -12.32 -10.21 -22.89
N TRP A 195 -11.75 -9.02 -22.73
CA TRP A 195 -10.46 -8.74 -23.35
C TRP A 195 -9.61 -7.87 -22.44
N ARG A 196 -8.37 -8.28 -22.24
CA ARG A 196 -7.39 -7.51 -21.49
C ARG A 196 -6.97 -6.28 -22.29
N ASN A 197 -7.03 -5.11 -21.65
CA ASN A 197 -6.70 -3.85 -22.29
C ASN A 197 -5.31 -3.34 -21.94
N PHE A 198 -4.82 -3.60 -20.73
CA PHE A 198 -3.70 -2.85 -20.17
C PHE A 198 -2.73 -3.84 -19.51
N ALA A 199 -1.55 -3.32 -19.12
CA ALA A 199 -0.47 -4.13 -18.58
C ALA A 199 -0.91 -4.94 -17.36
N ASP A 200 -0.21 -6.06 -17.15
CA ASP A 200 -0.50 -6.97 -16.04
C ASP A 200 -0.56 -6.24 -14.70
N ILE A 201 -1.53 -6.61 -13.88
CA ILE A 201 -1.60 -6.12 -12.51
C ILE A 201 -0.51 -6.78 -11.68
N ASP A 202 -0.04 -6.09 -10.65
CA ASP A 202 0.73 -6.73 -9.60
C ASP A 202 0.19 -6.32 -8.24
N ASP A 203 0.86 -6.76 -7.17
CA ASP A 203 0.39 -6.58 -5.80
C ASP A 203 0.81 -5.19 -5.31
N SER A 204 0.24 -4.15 -5.93
CA SER A 204 0.66 -2.80 -5.58
C SER A 204 -0.43 -1.78 -5.92
N TRP A 205 -0.48 -0.74 -5.08
CA TRP A 205 -1.38 0.40 -5.32
C TRP A 205 -1.00 1.16 -6.59
N LYS A 206 0.29 1.25 -6.90
CA LYS A 206 0.72 1.85 -8.17
C LYS A 206 0.03 1.19 -9.36
N SER A 207 -0.03 -0.14 -9.35
CA SER A 207 -0.67 -0.90 -10.43
C SER A 207 -2.15 -0.54 -10.55
N ILE A 208 -2.84 -0.45 -9.40
CA ILE A 208 -4.26 -0.11 -9.40
C ILE A 208 -4.48 1.29 -9.98
N LYS A 209 -3.71 2.26 -9.51
CA LYS A 209 -3.81 3.62 -10.02
C LYS A 209 -3.59 3.65 -11.52
N SER A 210 -2.60 2.93 -12.01
CA SER A 210 -2.31 3.04 -13.43
C SER A 210 -3.41 2.37 -14.25
N ILE A 211 -4.01 1.28 -13.74
CA ILE A 211 -5.14 0.66 -14.45
C ILE A 211 -6.34 1.60 -14.47
N LEU A 212 -6.66 2.21 -13.33
CA LEU A 212 -7.76 3.17 -13.29
C LEU A 212 -7.50 4.34 -14.22
N ASP A 213 -6.28 4.88 -14.19
CA ASP A 213 -5.94 6.04 -15.01
C ASP A 213 -6.01 5.72 -16.49
N TRP A 214 -5.60 4.50 -16.86
CA TRP A 214 -5.69 4.11 -18.26
C TRP A 214 -7.14 3.96 -18.71
N THR A 215 -7.95 3.26 -17.91
CA THR A 215 -9.36 3.10 -18.22
C THR A 215 -10.05 4.46 -18.34
N SER A 216 -9.76 5.34 -17.39
CA SER A 216 -10.18 6.75 -17.42
C SER A 216 -9.81 7.42 -18.74
N PHE A 217 -8.53 7.31 -19.13
CA PHE A 217 -8.04 8.02 -20.32
C PHE A 217 -8.69 7.50 -21.60
N ASN A 218 -9.02 6.22 -21.66
CA ASN A 218 -9.51 5.61 -22.90
C ASN A 218 -11.01 5.37 -22.88
N GLN A 219 -11.75 5.99 -21.95
CA GLN A 219 -13.11 5.53 -21.70
C GLN A 219 -14.05 5.87 -22.85
N GLU A 220 -13.74 6.94 -23.55
CA GLU A 220 -14.46 7.31 -24.75
C GLU A 220 -14.53 6.15 -25.74
N ARG A 221 -13.46 5.37 -25.79
CA ARG A 221 -13.26 4.30 -26.74
C ARG A 221 -13.77 2.94 -26.26
N ILE A 222 -13.82 2.67 -24.96
CA ILE A 222 -14.02 1.29 -24.49
C ILE A 222 -15.30 1.10 -23.71
N VAL A 223 -15.89 2.17 -23.16
CA VAL A 223 -17.01 2.01 -22.24
C VAL A 223 -18.23 1.45 -22.96
N ASP A 224 -18.56 2.02 -24.12
CA ASP A 224 -19.83 1.69 -24.76
C ASP A 224 -19.84 0.30 -25.41
N VAL A 225 -18.69 -0.27 -25.76
CA VAL A 225 -18.69 -1.61 -26.35
C VAL A 225 -19.00 -2.68 -25.32
N ALA A 226 -18.75 -2.40 -24.05
CA ALA A 226 -18.96 -3.42 -23.03
C ALA A 226 -20.45 -3.63 -22.79
N GLY A 227 -20.81 -4.87 -22.51
CA GLY A 227 -22.18 -5.24 -22.22
C GLY A 227 -22.28 -6.74 -22.20
N PRO A 228 -23.47 -7.28 -21.87
CA PRO A 228 -23.64 -8.74 -21.81
C PRO A 228 -23.00 -9.47 -22.97
N GLY A 229 -22.09 -10.41 -22.67
CA GLY A 229 -21.37 -11.17 -23.67
C GLY A 229 -19.96 -10.67 -23.95
N GLY A 230 -19.61 -9.45 -23.57
CA GLY A 230 -18.30 -8.90 -23.84
C GLY A 230 -17.89 -7.78 -22.90
N TRP A 231 -16.79 -7.97 -22.14
CA TRP A 231 -16.41 -7.06 -21.07
C TRP A 231 -14.97 -6.62 -21.24
N ASN A 232 -14.70 -5.38 -20.80
CA ASN A 232 -13.32 -4.96 -20.63
C ASN A 232 -12.73 -5.65 -19.41
N ASP A 233 -11.50 -6.13 -19.55
CA ASP A 233 -10.88 -6.86 -18.46
C ASP A 233 -9.69 -6.07 -17.93
N PRO A 234 -9.85 -5.39 -16.79
CA PRO A 234 -8.73 -4.65 -16.18
C PRO A 234 -7.80 -5.50 -15.35
N ASP A 235 -7.91 -6.83 -15.47
CA ASP A 235 -7.06 -7.84 -14.82
C ASP A 235 -7.53 -8.17 -13.40
N MET A 236 -6.76 -9.02 -12.72
CA MET A 236 -7.24 -9.76 -11.55
C MET A 236 -7.43 -8.89 -10.30
N LEU A 237 -8.34 -9.33 -9.46
CA LEU A 237 -8.42 -8.85 -8.09
C LEU A 237 -7.23 -9.39 -7.29
N VAL A 238 -6.56 -8.51 -6.55
CA VAL A 238 -5.43 -8.91 -5.72
C VAL A 238 -5.71 -8.64 -4.24
N ILE A 239 -6.99 -8.42 -3.92
CA ILE A 239 -7.40 -8.36 -2.54
C ILE A 239 -7.07 -9.67 -1.86
N GLY A 240 -6.56 -9.61 -0.63
CA GLY A 240 -6.19 -10.78 0.12
C GLY A 240 -4.70 -11.10 0.14
N ASN A 241 -3.89 -10.35 -0.61
CA ASN A 241 -2.46 -10.61 -0.72
C ASN A 241 -1.71 -9.65 0.21
N PHE A 242 -0.68 -8.95 -0.25
CA PHE A 242 0.30 -8.34 0.64
C PHE A 242 0.53 -6.85 0.39
N GLY A 243 0.25 -6.33 -0.80
CA GLY A 243 0.70 -5.00 -1.20
C GLY A 243 -0.29 -3.87 -1.04
N LEU A 244 -1.57 -4.17 -0.80
CA LEU A 244 -2.63 -3.17 -0.73
C LEU A 244 -3.06 -2.97 0.72
N SER A 245 -3.16 -1.71 1.12
CA SER A 245 -3.82 -1.39 2.39
C SER A 245 -5.31 -1.68 2.29
N TRP A 246 -5.97 -1.69 3.45
CA TRP A 246 -7.41 -1.95 3.46
C TRP A 246 -8.16 -1.00 2.54
N ASN A 247 -7.80 0.29 2.59
CA ASN A 247 -8.51 1.25 1.75
C ASN A 247 -8.19 1.08 0.28
N GLN A 248 -6.96 0.65 -0.05
CA GLN A 248 -6.65 0.38 -1.45
C GLN A 248 -7.40 -0.86 -1.95
N GLN A 249 -7.60 -1.84 -1.07
CA GLN A 249 -8.40 -3.02 -1.42
C GLN A 249 -9.85 -2.62 -1.67
N VAL A 250 -10.38 -1.72 -0.82
CA VAL A 250 -11.76 -1.26 -1.00
C VAL A 250 -11.88 -0.54 -2.33
N THR A 251 -10.89 0.29 -2.66
CA THR A 251 -10.92 0.98 -3.95
C THR A 251 -10.95 -0.01 -5.11
N GLN A 252 -10.16 -1.09 -5.03
CA GLN A 252 -10.19 -2.05 -6.12
C GLN A 252 -11.55 -2.72 -6.23
N MET A 253 -12.12 -3.18 -5.11
CA MET A 253 -13.42 -3.85 -5.16
C MET A 253 -14.48 -2.92 -5.75
N ALA A 254 -14.55 -1.70 -5.22
CA ALA A 254 -15.56 -0.74 -5.66
C ALA A 254 -15.42 -0.43 -7.15
N LEU A 255 -14.19 -0.20 -7.62
CA LEU A 255 -14.05 0.26 -8.99
C LEU A 255 -14.17 -0.89 -9.99
N TRP A 256 -13.81 -2.12 -9.59
CA TRP A 256 -14.10 -3.26 -10.44
C TRP A 256 -15.61 -3.52 -10.54
N ALA A 257 -16.37 -3.14 -9.50
CA ALA A 257 -17.84 -3.19 -9.63
C ALA A 257 -18.34 -2.10 -10.59
N ILE A 258 -17.83 -0.89 -10.43
CA ILE A 258 -18.22 0.21 -11.31
C ILE A 258 -17.89 -0.13 -12.76
N MET A 259 -16.74 -0.76 -13.00
CA MET A 259 -16.27 -0.97 -14.36
C MET A 259 -16.89 -2.20 -15.02
N ALA A 260 -17.81 -2.90 -14.33
CA ALA A 260 -18.38 -4.15 -14.82
C ALA A 260 -17.27 -5.07 -15.31
N ALA A 261 -16.25 -5.19 -14.48
CA ALA A 261 -15.09 -5.99 -14.76
C ALA A 261 -15.35 -7.44 -14.38
N PRO A 262 -14.76 -8.38 -15.11
CA PRO A 262 -14.66 -9.74 -14.58
C PRO A 262 -13.96 -9.72 -13.23
N LEU A 263 -14.44 -10.55 -12.32
CA LEU A 263 -13.92 -10.63 -10.96
C LEU A 263 -13.14 -11.93 -10.83
N PHE A 264 -11.86 -11.87 -11.17
CA PHE A 264 -10.97 -13.01 -11.01
C PHE A 264 -10.04 -12.74 -9.84
N MET A 265 -10.35 -13.36 -8.69
CA MET A 265 -9.41 -13.35 -7.58
C MET A 265 -8.13 -14.04 -7.98
N SER A 266 -6.99 -13.49 -7.56
CA SER A 266 -5.72 -14.20 -7.61
C SER A 266 -5.11 -14.06 -6.22
N ASN A 267 -5.35 -15.05 -5.37
CA ASN A 267 -4.93 -15.00 -3.97
C ASN A 267 -4.73 -16.44 -3.48
N ASP A 268 -4.47 -16.60 -2.19
CA ASP A 268 -4.36 -17.93 -1.58
C ASP A 268 -5.57 -18.12 -0.66
N LEU A 269 -6.57 -18.85 -1.16
CA LEU A 269 -7.79 -19.09 -0.39
C LEU A 269 -7.52 -19.87 0.90
N ARG A 270 -6.36 -20.51 1.02
CA ARG A 270 -6.01 -21.22 2.24
C ARG A 270 -5.58 -20.26 3.33
N HIS A 271 -5.07 -19.08 2.97
CA HIS A 271 -4.58 -18.08 3.91
C HIS A 271 -5.08 -16.70 3.50
N ILE A 272 -6.28 -16.36 3.96
CA ILE A 272 -6.88 -15.06 3.65
C ILE A 272 -7.61 -14.52 4.88
N SER A 273 -7.42 -13.24 5.14
CA SER A 273 -7.98 -12.63 6.35
C SER A 273 -9.51 -12.58 6.29
N PRO A 274 -10.17 -12.57 7.45
CA PRO A 274 -11.63 -12.38 7.47
C PRO A 274 -12.11 -11.09 6.82
N GLN A 275 -11.42 -9.97 7.05
CA GLN A 275 -11.79 -8.72 6.38
C GLN A 275 -11.76 -8.86 4.86
N ALA A 276 -10.64 -9.36 4.32
CA ALA A 276 -10.53 -9.48 2.86
C ALA A 276 -11.59 -10.40 2.31
N LYS A 277 -11.87 -11.50 3.02
CA LYS A 277 -12.91 -12.42 2.58
C LYS A 277 -14.29 -11.75 2.58
N ALA A 278 -14.59 -10.97 3.63
CA ALA A 278 -15.87 -10.27 3.68
C ALA A 278 -15.98 -9.24 2.55
N LEU A 279 -14.88 -8.57 2.22
CA LEU A 279 -14.92 -7.61 1.11
C LEU A 279 -15.16 -8.33 -0.22
N LEU A 280 -14.40 -9.39 -0.49
CA LEU A 280 -14.57 -10.12 -1.75
C LEU A 280 -15.92 -10.80 -1.84
N GLN A 281 -16.58 -11.08 -0.72
CA GLN A 281 -17.89 -11.72 -0.72
C GLN A 281 -19.02 -10.73 -0.47
N ASP A 282 -18.72 -9.43 -0.47
CA ASP A 282 -19.73 -8.40 -0.22
C ASP A 282 -20.87 -8.54 -1.22
N LYS A 283 -22.05 -8.87 -0.71
CA LYS A 283 -23.18 -9.23 -1.57
C LYS A 283 -23.69 -8.03 -2.37
N ASP A 284 -23.75 -6.85 -1.73
CA ASP A 284 -24.25 -5.65 -2.39
C ASP A 284 -23.31 -5.18 -3.49
N VAL A 285 -22.00 -5.27 -3.24
CA VAL A 285 -21.03 -4.82 -4.24
C VAL A 285 -20.98 -5.78 -5.42
N ILE A 286 -21.01 -7.10 -5.14
CA ILE A 286 -21.08 -8.06 -6.23
C ILE A 286 -22.34 -7.87 -7.04
N ALA A 287 -23.46 -7.59 -6.37
CA ALA A 287 -24.71 -7.33 -7.10
C ALA A 287 -24.55 -6.15 -8.05
N ILE A 288 -23.85 -5.10 -7.61
CA ILE A 288 -23.54 -4.02 -8.55
C ILE A 288 -22.71 -4.54 -9.72
N ASN A 289 -21.64 -5.27 -9.45
CA ASN A 289 -20.80 -5.76 -10.54
C ASN A 289 -21.60 -6.63 -11.49
N GLN A 290 -22.56 -7.39 -10.94
CA GLN A 290 -23.32 -8.40 -11.68
C GLN A 290 -24.64 -7.86 -12.20
N ASP A 291 -24.83 -6.55 -12.19
CA ASP A 291 -26.10 -5.96 -12.57
C ASP A 291 -26.49 -6.44 -13.97
N PRO A 292 -27.66 -7.08 -14.12
CA PRO A 292 -28.02 -7.70 -15.41
C PRO A 292 -28.04 -6.73 -16.58
N LEU A 293 -28.28 -5.44 -16.32
CA LEU A 293 -28.22 -4.45 -17.39
C LEU A 293 -26.86 -4.44 -18.07
N GLY A 294 -25.79 -4.61 -17.32
CA GLY A 294 -24.47 -4.71 -17.92
C GLY A 294 -23.95 -3.45 -18.59
N LYS A 295 -24.25 -2.27 -18.06
CA LYS A 295 -23.72 -1.03 -18.62
C LYS A 295 -22.49 -0.64 -17.81
N GLN A 296 -21.34 -0.53 -18.48
CA GLN A 296 -20.11 -0.21 -17.76
C GLN A 296 -20.15 1.24 -17.26
N GLY A 297 -19.73 1.44 -16.02
CA GLY A 297 -19.62 2.78 -15.50
C GLY A 297 -18.43 3.51 -16.09
N TYR A 298 -18.24 4.73 -15.61
CA TYR A 298 -17.27 5.63 -16.24
C TYR A 298 -16.89 6.69 -15.22
N GLN A 299 -15.80 7.39 -15.50
CA GLN A 299 -15.40 8.52 -14.68
C GLN A 299 -16.23 9.75 -15.05
N LEU A 300 -16.94 10.31 -14.07
CA LEU A 300 -17.71 11.53 -14.26
C LEU A 300 -16.86 12.77 -14.04
N ARG A 301 -16.00 12.77 -13.03
CA ARG A 301 -15.29 13.97 -12.62
C ARG A 301 -13.89 13.63 -12.14
N GLN A 302 -13.02 14.62 -12.22
CA GLN A 302 -11.64 14.44 -11.79
C GLN A 302 -11.12 15.82 -11.47
N GLY A 303 -10.55 15.98 -10.27
CA GLY A 303 -10.05 17.27 -9.86
C GLY A 303 -9.79 17.35 -8.36
N ASP A 304 -8.83 18.18 -7.95
CA ASP A 304 -8.48 18.35 -6.53
C ASP A 304 -8.14 17.00 -5.90
N ASN A 305 -7.44 16.15 -6.67
CA ASN A 305 -7.06 14.81 -6.25
C ASN A 305 -8.25 13.96 -5.81
N PHE A 306 -9.41 14.25 -6.39
CA PHE A 306 -10.62 13.48 -6.23
C PHE A 306 -11.04 12.95 -7.58
N GLU A 307 -11.71 11.81 -7.56
CA GLU A 307 -12.33 11.24 -8.74
C GLU A 307 -13.75 10.84 -8.38
N VAL A 308 -14.68 11.05 -9.32
CA VAL A 308 -16.05 10.55 -9.19
C VAL A 308 -16.33 9.69 -10.40
N TRP A 309 -16.73 8.44 -10.14
CA TRP A 309 -17.19 7.47 -11.13
C TRP A 309 -18.63 7.11 -10.85
N GLU A 310 -19.37 6.74 -11.89
CA GLU A 310 -20.74 6.29 -11.70
C GLU A 310 -21.07 5.24 -12.75
N ARG A 311 -22.07 4.41 -12.43
CA ARG A 311 -22.53 3.34 -13.28
C ARG A 311 -24.06 3.26 -13.23
N PRO A 312 -24.73 3.30 -14.37
CA PRO A 312 -26.19 3.10 -14.37
C PRO A 312 -26.52 1.65 -14.13
N LEU A 313 -27.50 1.40 -13.27
CA LEU A 313 -27.92 0.06 -12.93
C LEU A 313 -29.35 -0.18 -13.42
N SER A 314 -29.81 -1.41 -13.20
CA SER A 314 -31.18 -1.79 -13.50
C SER A 314 -32.16 -0.99 -12.66
N GLY A 315 -33.32 -0.71 -13.26
CA GLY A 315 -34.43 -0.12 -12.52
C GLY A 315 -34.16 1.26 -11.94
N LEU A 316 -33.54 2.14 -12.72
CA LEU A 316 -33.36 3.54 -12.34
C LEU A 316 -32.43 3.73 -11.14
N ALA A 317 -31.60 2.75 -10.80
CA ALA A 317 -30.61 2.92 -9.76
C ALA A 317 -29.26 3.25 -10.36
N TRP A 318 -28.41 3.86 -9.54
CA TRP A 318 -27.06 4.21 -9.96
C TRP A 318 -26.08 3.82 -8.86
N ALA A 319 -24.87 3.44 -9.26
CA ALA A 319 -23.75 3.33 -8.34
C ALA A 319 -22.81 4.52 -8.54
N VAL A 320 -22.28 5.06 -7.45
CA VAL A 320 -21.36 6.20 -7.48
C VAL A 320 -20.17 5.89 -6.58
N ALA A 321 -18.96 6.03 -7.12
CA ALA A 321 -17.73 5.81 -6.38
C ALA A 321 -16.94 7.11 -6.32
N MET A 322 -16.45 7.46 -5.14
CA MET A 322 -15.63 8.65 -4.96
C MET A 322 -14.28 8.24 -4.39
N ILE A 323 -13.22 8.58 -5.12
CA ILE A 323 -11.86 8.20 -4.78
C ILE A 323 -11.11 9.43 -4.29
N ASN A 324 -10.36 9.26 -3.21
CA ASN A 324 -9.42 10.27 -2.73
C ASN A 324 -8.03 9.84 -3.16
N ARG A 325 -7.47 10.54 -4.15
CA ARG A 325 -6.14 10.22 -4.68
C ARG A 325 -5.02 10.99 -3.98
N GLN A 326 -5.33 11.78 -2.96
CA GLN A 326 -4.28 12.45 -2.18
C GLN A 326 -3.67 11.44 -1.22
N GLU A 327 -2.35 11.25 -1.30
CA GLU A 327 -1.71 10.21 -0.48
C GLU A 327 -0.99 10.80 0.72
N ILE A 328 -1.60 11.81 1.34
CA ILE A 328 -1.07 12.43 2.55
C ILE A 328 -2.28 12.99 3.31
N GLY A 329 -2.15 13.11 4.62
CA GLY A 329 -3.24 13.69 5.39
C GLY A 329 -4.30 12.70 5.86
N GLY A 330 -5.52 13.18 6.06
CA GLY A 330 -6.57 12.36 6.62
C GLY A 330 -7.79 12.30 5.72
N PRO A 331 -8.91 11.80 6.26
CA PRO A 331 -10.14 11.75 5.46
C PRO A 331 -10.48 13.13 4.95
N ARG A 332 -10.64 13.24 3.64
CA ARG A 332 -10.82 14.53 2.99
C ARG A 332 -12.27 14.69 2.57
N SER A 333 -12.83 15.87 2.79
CA SER A 333 -14.23 16.10 2.48
C SER A 333 -14.44 16.39 0.99
N TYR A 334 -15.50 15.79 0.45
CA TYR A 334 -15.93 15.97 -0.93
C TYR A 334 -17.44 16.19 -0.95
N THR A 335 -17.90 17.19 -1.69
CA THR A 335 -19.33 17.44 -1.84
C THR A 335 -19.64 17.57 -3.32
N ILE A 336 -20.80 17.06 -3.72
CA ILE A 336 -21.28 17.17 -5.10
C ILE A 336 -22.79 17.29 -5.10
N ALA A 337 -23.32 18.12 -5.99
CA ALA A 337 -24.77 18.23 -6.15
C ALA A 337 -25.34 16.92 -6.66
N VAL A 338 -26.35 16.39 -5.97
CA VAL A 338 -26.91 15.12 -6.42
C VAL A 338 -27.52 15.25 -7.81
N ALA A 339 -27.90 16.46 -8.23
CA ALA A 339 -28.42 16.66 -9.56
C ALA A 339 -27.35 16.44 -10.63
N SER A 340 -26.08 16.53 -10.26
CA SER A 340 -24.99 16.22 -11.19
C SER A 340 -24.76 14.73 -11.36
N LEU A 341 -25.39 13.89 -10.55
CA LEU A 341 -25.19 12.45 -10.61
C LEU A 341 -26.23 11.80 -11.51
N GLY A 342 -25.86 10.64 -12.07
CA GLY A 342 -26.81 9.87 -12.85
C GLY A 342 -27.43 10.65 -13.99
N LYS A 343 -26.63 11.50 -14.66
CA LYS A 343 -27.08 12.30 -15.79
C LYS A 343 -28.25 13.23 -15.44
N GLY A 344 -28.35 13.61 -14.16
CA GLY A 344 -29.42 14.47 -13.68
C GLY A 344 -30.71 13.76 -13.38
N VAL A 345 -30.78 12.47 -13.61
CA VAL A 345 -32.00 11.70 -13.45
C VAL A 345 -32.01 10.88 -12.15
N ALA A 346 -30.85 10.55 -11.59
CA ALA A 346 -30.78 9.64 -10.44
C ALA A 346 -31.63 10.13 -9.27
N CYS A 347 -31.56 11.41 -8.96
CA CYS A 347 -32.21 11.95 -7.77
C CYS A 347 -33.29 12.98 -8.10
N ASN A 348 -33.98 12.81 -9.23
CA ASN A 348 -35.09 13.67 -9.60
C ASN A 348 -36.37 12.86 -9.53
N PRO A 349 -37.32 13.17 -8.63
CA PRO A 349 -37.30 14.32 -7.72
C PRO A 349 -36.47 14.09 -6.46
N ALA A 350 -36.27 12.82 -6.09
CA ALA A 350 -35.47 12.48 -4.92
C ALA A 350 -34.89 11.09 -5.10
N CYS A 351 -33.94 10.75 -4.22
CA CYS A 351 -33.36 9.41 -4.23
C CYS A 351 -33.00 9.04 -2.80
N PHE A 352 -33.02 7.74 -2.52
CA PHE A 352 -32.48 7.21 -1.28
C PHE A 352 -31.07 6.69 -1.54
N ILE A 353 -30.12 7.16 -0.74
CA ILE A 353 -28.71 6.84 -0.92
C ILE A 353 -28.25 5.92 0.20
N THR A 354 -27.66 4.79 -0.18
CA THR A 354 -27.04 3.87 0.76
C THR A 354 -25.54 3.82 0.46
N GLN A 355 -24.72 4.16 1.45
CA GLN A 355 -23.31 3.86 1.36
C GLN A 355 -23.11 2.36 1.55
N LEU A 356 -22.28 1.78 0.70
CA LEU A 356 -21.94 0.36 0.72
C LEU A 356 -20.51 0.10 1.16
N LEU A 357 -19.57 0.98 0.79
CA LEU A 357 -18.14 0.86 1.11
C LEU A 357 -17.63 2.23 1.54
N PRO A 358 -16.68 2.28 2.51
CA PRO A 358 -16.01 1.19 3.24
C PRO A 358 -16.90 0.46 4.25
N VAL A 359 -18.01 1.07 4.69
CA VAL A 359 -18.99 0.38 5.53
C VAL A 359 -20.38 0.65 4.96
N LYS A 360 -21.29 -0.25 5.30
CA LYS A 360 -22.68 -0.13 4.87
C LYS A 360 -23.42 0.79 5.83
N ARG A 361 -24.04 1.83 5.29
CA ARG A 361 -24.73 2.81 6.11
C ARG A 361 -25.81 3.48 5.27
N LYS A 362 -27.03 3.52 5.77
CA LYS A 362 -28.07 4.29 5.08
C LYS A 362 -27.83 5.78 5.30
N LEU A 363 -27.81 6.57 4.23
CA LEU A 363 -27.59 8.00 4.37
C LEU A 363 -28.89 8.80 4.35
N GLY A 364 -29.94 8.25 3.77
CA GLY A 364 -31.26 8.85 3.81
C GLY A 364 -31.72 9.34 2.45
N PHE A 365 -32.76 10.16 2.47
CA PHE A 365 -33.35 10.72 1.26
C PHE A 365 -32.65 12.02 0.88
N TYR A 366 -32.35 12.17 -0.41
CA TYR A 366 -31.74 13.36 -0.97
C TYR A 366 -32.68 13.92 -2.04
N GLU A 367 -33.08 15.18 -1.88
CA GLU A 367 -33.91 15.85 -2.87
C GLU A 367 -33.04 16.27 -4.06
N TRP A 368 -33.70 16.50 -5.20
CA TRP A 368 -33.01 16.93 -6.41
C TRP A 368 -32.13 18.16 -6.18
N THR A 369 -32.45 18.97 -5.18
CA THR A 369 -31.68 20.16 -4.86
C THR A 369 -30.52 19.88 -3.91
N SER A 370 -30.40 18.64 -3.41
CA SER A 370 -29.47 18.38 -2.32
C SER A 370 -28.02 18.32 -2.80
N ARG A 371 -27.11 18.45 -1.84
CA ARG A 371 -25.69 18.18 -2.03
C ARG A 371 -25.32 16.98 -1.19
N LEU A 372 -24.56 16.07 -1.76
CA LEU A 372 -24.04 14.92 -1.05
C LEU A 372 -22.61 15.23 -0.57
N ARG A 373 -22.38 15.03 0.73
CA ARG A 373 -21.09 15.30 1.35
C ARG A 373 -20.55 14.03 1.99
N SER A 374 -19.27 13.76 1.74
CA SER A 374 -18.62 12.55 2.21
C SER A 374 -17.20 12.87 2.63
N HIS A 375 -16.64 12.03 3.49
CA HIS A 375 -15.23 12.09 3.86
C HIS A 375 -14.58 10.82 3.34
N ILE A 376 -13.56 10.98 2.49
CA ILE A 376 -12.96 9.85 1.80
C ILE A 376 -11.51 9.70 2.26
N ASN A 377 -11.14 8.48 2.61
CA ASN A 377 -9.81 8.20 3.12
C ASN A 377 -8.78 8.30 1.98
N PRO A 378 -7.57 8.75 2.29
CA PRO A 378 -6.47 8.70 1.32
C PRO A 378 -6.29 7.31 0.72
N THR A 379 -6.31 7.25 -0.60
CA THR A 379 -6.27 6.04 -1.42
C THR A 379 -7.51 5.16 -1.26
N GLY A 380 -8.52 5.64 -0.51
CA GLY A 380 -9.77 4.92 -0.35
C GLY A 380 -10.86 5.42 -1.31
N THR A 381 -12.02 4.76 -1.19
CA THR A 381 -13.19 5.02 -2.02
C THR A 381 -14.46 4.88 -1.18
N VAL A 382 -15.40 5.79 -1.41
CA VAL A 382 -16.76 5.65 -0.89
C VAL A 382 -17.65 5.19 -2.04
N LEU A 383 -18.32 4.06 -1.86
CA LEU A 383 -19.22 3.50 -2.85
C LEU A 383 -20.64 3.65 -2.37
N LEU A 384 -21.50 4.22 -3.21
CA LEU A 384 -22.89 4.49 -2.87
C LEU A 384 -23.80 3.90 -3.92
N GLN A 385 -25.01 3.52 -3.49
CA GLN A 385 -26.10 3.14 -4.37
C GLN A 385 -27.25 4.13 -4.19
N LEU A 386 -27.71 4.68 -5.29
CA LEU A 386 -28.78 5.66 -5.34
C LEU A 386 -30.00 4.97 -5.94
N GLU A 387 -31.12 4.99 -5.21
CA GLU A 387 -32.39 4.47 -5.69
C GLU A 387 -33.35 5.64 -5.86
N ASN A 388 -33.84 5.86 -7.08
CA ASN A 388 -34.79 6.93 -7.29
C ASN A 388 -36.07 6.62 -6.53
N THR A 389 -36.62 7.62 -5.83
CA THR A 389 -37.84 7.38 -5.07
C THR A 389 -39.02 6.99 -5.95
N MET A 390 -38.84 7.03 -7.27
CA MET A 390 -39.77 6.55 -8.30
C MET A 390 -40.86 7.56 -8.54
N LEU B 1 24.50 16.81 19.26
CA LEU B 1 24.37 17.90 20.24
C LEU B 1 24.60 17.43 21.68
N ASP B 2 25.62 18.00 22.31
CA ASP B 2 26.05 17.61 23.64
C ASP B 2 25.28 18.36 24.72
N ASN B 3 23.95 18.17 24.74
CA ASN B 3 23.12 18.77 25.78
C ASN B 3 22.56 17.75 26.75
N GLY B 4 23.06 16.51 26.74
CA GLY B 4 22.53 15.49 27.62
C GLY B 4 21.19 14.93 27.22
N LEU B 5 20.65 15.30 26.05
CA LEU B 5 19.35 14.84 25.61
C LEU B 5 19.47 13.87 24.43
N ALA B 6 18.39 13.14 24.20
CA ALA B 6 18.32 12.21 23.07
C ALA B 6 19.46 11.20 23.10
N ARG B 7 19.75 10.67 24.30
CA ARG B 7 20.73 9.60 24.39
C ARG B 7 20.25 8.32 23.72
N THR B 8 18.95 8.16 23.56
CA THR B 8 18.34 7.24 22.62
C THR B 8 17.48 8.05 21.67
N PRO B 9 17.09 7.49 20.51
CA PRO B 9 16.24 8.25 19.59
C PRO B 9 14.97 8.74 20.28
N THR B 10 14.67 10.02 20.09
CA THR B 10 13.46 10.60 20.65
C THR B 10 12.20 9.87 20.16
N MET B 11 11.25 9.68 21.06
CA MET B 11 9.99 9.01 20.78
C MET B 11 8.84 9.93 21.12
N GLY B 12 7.86 10.02 20.22
CA GLY B 12 6.70 10.84 20.45
C GLY B 12 5.70 10.88 19.31
N TRP B 13 4.97 11.99 19.22
CA TRP B 13 3.87 12.15 18.27
C TRP B 13 3.96 13.54 17.64
N LEU B 14 3.82 13.59 16.33
CA LEU B 14 3.93 14.81 15.54
C LEU B 14 2.76 14.85 14.57
N HIS B 15 2.10 16.01 14.46
CA HIS B 15 0.82 16.07 13.77
C HIS B 15 0.93 16.21 12.25
N TRP B 16 2.11 16.52 11.71
CA TRP B 16 2.16 17.05 10.35
C TRP B 16 1.56 16.10 9.31
N GLU B 17 2.02 14.85 9.26
CA GLU B 17 1.62 13.98 8.14
C GLU B 17 0.11 13.74 8.11
N ARG B 18 -0.50 13.46 9.26
CA ARG B 18 -1.93 13.16 9.28
C ARG B 18 -2.77 14.43 9.28
N PHE B 19 -2.29 15.52 9.89
CA PHE B 19 -3.15 16.68 10.04
C PHE B 19 -2.71 17.90 9.24
N MET B 20 -1.43 18.01 8.89
CA MET B 20 -0.93 19.04 7.94
C MET B 20 -1.32 20.43 8.45
N CYS B 21 -1.72 21.33 7.55
CA CYS B 21 -2.04 22.70 7.91
C CYS B 21 -3.53 23.01 7.76
N ASN B 22 -4.38 22.19 8.36
CA ASN B 22 -5.82 22.36 8.26
C ASN B 22 -6.25 23.44 9.25
N LEU B 23 -6.66 24.61 8.73
CA LEU B 23 -7.09 25.73 9.55
C LEU B 23 -8.61 25.90 9.61
N ASP B 24 -9.36 25.03 8.92
CA ASP B 24 -10.81 25.14 8.81
C ASP B 24 -11.50 24.47 10.00
N CYS B 25 -11.52 25.18 11.13
CA CYS B 25 -12.16 24.62 12.32
C CYS B 25 -13.68 24.67 12.27
N GLN B 26 -14.28 25.46 11.37
CA GLN B 26 -15.73 25.44 11.22
C GLN B 26 -16.21 24.21 10.46
N GLU B 27 -15.60 23.91 9.33
CA GLU B 27 -16.03 22.78 8.52
C GLU B 27 -15.30 21.48 8.84
N GLU B 28 -14.08 21.53 9.38
CA GLU B 28 -13.32 20.33 9.71
C GLU B 28 -12.82 20.37 11.15
N PRO B 29 -13.73 20.47 12.14
CA PRO B 29 -13.27 20.63 13.54
C PRO B 29 -12.42 19.50 14.09
N ASP B 30 -12.61 18.27 13.60
CA ASP B 30 -11.90 17.14 14.20
C ASP B 30 -10.49 17.00 13.67
N SER B 31 -10.17 17.68 12.58
CA SER B 31 -8.84 17.60 12.00
C SER B 31 -8.13 18.95 11.91
N CYS B 32 -8.72 20.04 12.41
CA CYS B 32 -8.00 21.30 12.35
C CYS B 32 -6.98 21.37 13.49
N ILE B 33 -5.92 22.14 13.27
CA ILE B 33 -4.82 22.28 14.22
C ILE B 33 -5.30 23.18 15.36
N SER B 34 -5.62 22.57 16.51
CA SER B 34 -6.17 23.35 17.60
C SER B 34 -5.69 22.78 18.92
N GLU B 35 -5.75 23.61 19.96
CA GLU B 35 -5.36 23.17 21.30
C GLU B 35 -6.18 21.96 21.75
N LYS B 36 -7.45 21.89 21.36
CA LYS B 36 -8.26 20.75 21.78
C LYS B 36 -7.74 19.45 21.19
N LEU B 37 -7.32 19.48 19.92
CA LEU B 37 -6.74 18.30 19.29
C LEU B 37 -5.56 17.77 20.09
N PHE B 38 -4.67 18.67 20.51
CA PHE B 38 -3.48 18.25 21.25
C PHE B 38 -3.81 17.80 22.66
N MET B 39 -4.76 18.48 23.32
CA MET B 39 -5.19 18.00 24.63
C MET B 39 -5.75 16.59 24.55
N GLU B 40 -6.60 16.34 23.55
CA GLU B 40 -7.16 15.00 23.39
C GLU B 40 -6.08 13.98 23.08
N MET B 41 -5.16 14.34 22.19
CA MET B 41 -4.05 13.45 21.85
C MET B 41 -3.20 13.14 23.08
N ALA B 42 -2.98 14.13 23.96
CA ALA B 42 -2.24 13.89 25.18
C ALA B 42 -2.95 12.90 26.09
N GLU B 43 -4.26 13.10 26.30
CA GLU B 43 -5.04 12.16 27.11
C GLU B 43 -4.96 10.75 26.55
N LEU B 44 -5.05 10.61 25.23
CA LEU B 44 -5.00 9.27 24.68
C LEU B 44 -3.60 8.67 24.75
N MET B 45 -2.56 9.51 24.67
CA MET B 45 -1.21 8.98 24.83
C MET B 45 -1.06 8.38 26.21
N VAL B 46 -1.68 8.99 27.22
CA VAL B 46 -1.63 8.40 28.55
C VAL B 46 -2.50 7.16 28.64
N SER B 47 -3.79 7.29 28.29
CA SER B 47 -4.75 6.23 28.59
C SER B 47 -4.55 4.99 27.71
N GLU B 48 -4.01 5.14 26.49
CA GLU B 48 -3.92 4.03 25.55
C GLU B 48 -2.53 3.38 25.52
N GLY B 49 -1.70 3.64 26.53
CA GLY B 49 -0.43 2.94 26.66
C GLY B 49 0.72 3.50 25.85
N TRP B 50 0.54 4.63 25.16
CA TRP B 50 1.61 5.16 24.33
C TRP B 50 2.77 5.66 25.19
N LYS B 51 2.47 6.37 26.27
CA LYS B 51 3.54 6.83 27.16
C LYS B 51 4.31 5.65 27.76
N ASP B 52 3.58 4.64 28.26
CA ASP B 52 4.23 3.44 28.79
C ASP B 52 5.16 2.80 27.78
N ALA B 53 4.83 2.86 26.49
CA ALA B 53 5.67 2.25 25.49
C ALA B 53 6.92 3.07 25.19
N GLY B 54 6.92 4.34 25.57
CA GLY B 54 8.09 5.20 25.37
C GLY B 54 7.81 6.48 24.62
N TYR B 55 6.61 6.59 24.05
CA TYR B 55 6.23 7.79 23.30
C TYR B 55 5.95 8.92 24.27
N GLU B 56 6.85 9.89 24.34
CA GLU B 56 6.88 10.88 25.41
C GLU B 56 6.62 12.30 24.94
N TYR B 57 7.00 12.64 23.71
CA TYR B 57 6.94 14.01 23.23
C TYR B 57 5.71 14.21 22.35
N LEU B 58 4.80 15.07 22.81
CA LEU B 58 3.65 15.48 22.04
C LEU B 58 4.03 16.77 21.32
N CYS B 59 4.16 16.71 20.00
CA CYS B 59 4.80 17.79 19.26
C CYS B 59 3.81 18.47 18.32
N ILE B 60 3.77 19.81 18.39
CA ILE B 60 3.07 20.63 17.42
C ILE B 60 3.98 20.87 16.23
N ASP B 61 3.43 20.75 15.02
CA ASP B 61 4.18 21.10 13.83
C ASP B 61 3.76 22.48 13.35
N ASP B 62 3.85 22.75 12.05
CA ASP B 62 3.51 24.08 11.54
C ASP B 62 2.01 24.38 11.71
N CYS B 63 1.70 25.68 11.70
CA CYS B 63 0.35 26.25 11.71
C CYS B 63 -0.28 26.29 13.09
N TRP B 64 0.53 26.60 14.11
CA TRP B 64 0.01 26.95 15.43
C TRP B 64 0.02 28.44 15.70
N MET B 65 0.79 29.22 14.94
CA MET B 65 1.06 30.62 15.23
C MET B 65 -0.08 31.53 14.78
N ALA B 66 -0.15 32.70 15.41
CA ALA B 66 -0.96 33.79 14.90
C ALA B 66 -0.26 34.41 13.68
N PRO B 67 -1.01 35.11 12.82
CA PRO B 67 -0.38 35.65 11.59
C PRO B 67 0.83 36.55 11.82
N GLN B 68 0.92 37.25 12.96
CA GLN B 68 2.10 38.06 13.24
C GLN B 68 2.37 38.05 14.74
N ARG B 69 3.51 38.63 15.12
CA ARG B 69 3.95 38.69 16.50
C ARG B 69 3.18 39.76 17.27
N ASP B 70 3.30 39.70 18.60
CA ASP B 70 2.55 40.61 19.45
C ASP B 70 3.26 41.97 19.51
N SER B 71 2.76 42.85 20.38
CA SER B 71 3.36 44.18 20.54
C SER B 71 4.78 44.10 21.09
N GLU B 72 5.07 43.10 21.92
CA GLU B 72 6.40 42.91 22.46
C GLU B 72 7.34 42.23 21.46
N GLY B 73 6.89 42.00 20.24
CA GLY B 73 7.66 41.32 19.21
C GLY B 73 7.87 39.84 19.41
N ARG B 74 7.13 39.23 20.33
CA ARG B 74 7.25 37.80 20.61
C ARG B 74 6.23 37.04 19.77
N LEU B 75 6.56 35.80 19.44
CA LEU B 75 5.59 34.93 18.76
C LEU B 75 4.37 34.72 19.65
N GLN B 76 3.22 34.58 19.03
CA GLN B 76 1.99 34.33 19.76
C GLN B 76 1.23 33.19 19.10
N ALA B 77 0.54 32.41 19.92
CA ALA B 77 -0.33 31.36 19.43
C ALA B 77 -1.60 31.94 18.80
N ASP B 78 -2.19 31.18 17.90
CA ASP B 78 -3.41 31.62 17.24
C ASP B 78 -4.52 31.86 18.26
N PRO B 79 -5.17 33.03 18.24
CA PRO B 79 -6.21 33.29 19.26
C PRO B 79 -7.42 32.39 19.15
N GLN B 80 -7.85 32.05 17.94
CA GLN B 80 -9.08 31.26 17.83
C GLN B 80 -8.81 29.79 18.12
N ARG B 81 -7.73 29.25 17.56
CA ARG B 81 -7.45 27.82 17.64
C ARG B 81 -6.70 27.44 18.91
N PHE B 82 -5.91 28.36 19.46
CA PHE B 82 -5.20 28.16 20.73
C PHE B 82 -5.51 29.29 21.70
N PRO B 83 -6.78 29.45 22.10
CA PRO B 83 -7.14 30.60 22.94
C PRO B 83 -6.43 30.61 24.28
N HIS B 84 -6.13 29.46 24.86
CA HIS B 84 -5.53 29.42 26.19
C HIS B 84 -4.01 29.50 26.17
N GLY B 85 -3.39 29.48 25.00
CA GLY B 85 -1.98 29.76 24.88
C GLY B 85 -1.08 28.56 25.14
N ILE B 86 0.16 28.71 24.68
CA ILE B 86 1.10 27.60 24.69
C ILE B 86 1.49 27.23 26.11
N ARG B 87 1.59 28.19 27.04
CA ARG B 87 1.99 27.82 28.40
C ARG B 87 0.98 26.90 29.04
N GLN B 88 -0.32 27.22 28.91
CA GLN B 88 -1.32 26.34 29.48
C GLN B 88 -1.36 25.01 28.76
N LEU B 89 -1.14 24.99 27.45
CA LEU B 89 -1.05 23.69 26.80
C LEU B 89 0.11 22.87 27.36
N ALA B 90 1.27 23.50 27.54
CA ALA B 90 2.42 22.83 28.13
C ALA B 90 2.14 22.36 29.56
N ASN B 91 1.47 23.18 30.36
CA ASN B 91 1.10 22.75 31.71
C ASN B 91 0.23 21.52 31.67
N TYR B 92 -0.74 21.50 30.76
CA TYR B 92 -1.60 20.33 30.64
C TYR B 92 -0.79 19.09 30.27
N VAL B 93 0.02 19.22 29.21
CA VAL B 93 0.84 18.11 28.72
C VAL B 93 1.75 17.60 29.83
N HIS B 94 2.40 18.52 30.55
CA HIS B 94 3.26 18.14 31.66
C HIS B 94 2.46 17.47 32.78
N SER B 95 1.22 17.93 33.01
CA SER B 95 0.42 17.33 34.07
C SER B 95 0.05 15.90 33.74
N LYS B 96 0.11 15.52 32.46
CA LYS B 96 -0.11 14.12 32.12
C LYS B 96 1.18 13.30 32.13
N GLY B 97 2.31 13.91 32.49
CA GLY B 97 3.57 13.21 32.47
C GLY B 97 4.25 13.17 31.12
N LEU B 98 3.89 14.07 30.21
CA LEU B 98 4.42 14.13 28.86
C LEU B 98 5.23 15.40 28.68
N LYS B 99 5.86 15.52 27.50
CA LYS B 99 6.67 16.68 27.14
C LYS B 99 6.15 17.27 25.83
N LEU B 100 6.28 18.59 25.69
CA LEU B 100 5.69 19.31 24.57
C LEU B 100 6.76 19.81 23.61
N GLY B 101 6.60 19.47 22.34
CA GLY B 101 7.44 20.00 21.27
C GLY B 101 6.65 21.02 20.48
N ILE B 102 7.38 22.00 19.93
CA ILE B 102 6.81 23.07 19.12
C ILE B 102 7.67 23.20 17.86
N TYR B 103 7.21 24.06 16.94
CA TYR B 103 7.79 24.22 15.61
C TYR B 103 8.14 25.68 15.36
N ALA B 104 9.19 25.90 14.57
CA ALA B 104 9.55 27.23 14.10
C ALA B 104 10.43 27.08 12.86
N ASP B 105 10.80 28.21 12.26
CA ASP B 105 11.53 28.21 11.00
C ASP B 105 12.72 29.17 11.05
N VAL B 106 13.83 28.74 10.44
CA VAL B 106 15.06 29.52 10.47
C VAL B 106 14.94 30.78 9.62
N GLY B 107 14.07 30.77 8.62
CA GLY B 107 13.98 31.86 7.67
C GLY B 107 13.00 32.93 8.10
N ASN B 108 12.47 33.64 7.11
CA ASN B 108 11.56 34.76 7.36
C ASN B 108 10.13 34.28 7.61
N LYS B 109 9.76 33.13 7.05
CA LYS B 109 8.44 32.56 7.27
C LYS B 109 8.56 31.04 7.43
N THR B 110 7.57 30.45 8.08
CA THR B 110 7.46 29.00 8.10
C THR B 110 7.07 28.51 6.71
N CYS B 111 7.18 27.19 6.51
CA CYS B 111 6.83 26.63 5.21
C CYS B 111 5.39 26.94 4.86
N ALA B 112 4.52 27.07 5.86
CA ALA B 112 3.12 27.44 5.63
C ALA B 112 2.90 28.94 5.58
N GLY B 113 3.92 29.75 5.87
CA GLY B 113 3.81 31.18 5.70
C GLY B 113 3.57 31.99 6.95
N PHE B 114 3.74 31.39 8.12
CA PHE B 114 3.58 32.07 9.40
C PHE B 114 4.90 32.66 9.84
N PRO B 115 4.91 33.53 10.88
CA PRO B 115 6.16 34.22 11.26
C PRO B 115 7.40 33.33 11.36
N GLY B 116 8.46 33.71 10.62
CA GLY B 116 9.75 33.08 10.78
C GLY B 116 10.49 33.61 11.99
N SER B 117 11.62 32.97 12.29
CA SER B 117 12.36 33.31 13.50
C SER B 117 13.62 34.14 13.24
N PHE B 118 14.00 34.33 11.98
CA PHE B 118 15.14 35.18 11.67
C PHE B 118 14.95 36.57 12.25
N GLY B 119 15.94 37.00 13.02
CA GLY B 119 15.88 38.26 13.74
C GLY B 119 15.41 38.15 15.16
N TYR B 120 14.86 36.99 15.55
CA TYR B 120 14.30 36.81 16.89
C TYR B 120 14.79 35.53 17.56
N TYR B 121 15.91 34.98 17.10
CA TYR B 121 16.34 33.66 17.58
C TYR B 121 16.40 33.63 19.10
N ASP B 122 17.01 34.65 19.70
CA ASP B 122 17.12 34.65 21.15
C ASP B 122 15.76 34.90 21.80
N ILE B 123 14.98 35.85 21.25
CA ILE B 123 13.65 36.11 21.79
C ILE B 123 12.78 34.87 21.67
N ASP B 124 12.83 34.20 20.51
CA ASP B 124 12.00 33.03 20.31
C ASP B 124 12.44 31.87 21.19
N ALA B 125 13.76 31.66 21.35
CA ALA B 125 14.23 30.63 22.25
C ALA B 125 13.74 30.88 23.67
N GLN B 126 13.83 32.14 24.12
CA GLN B 126 13.37 32.45 25.47
C GLN B 126 11.86 32.32 25.59
N THR B 127 11.13 32.70 24.55
CA THR B 127 9.67 32.52 24.54
C THR B 127 9.31 31.05 24.73
N PHE B 128 9.92 30.18 23.93
CA PHE B 128 9.67 28.75 24.05
C PHE B 128 10.01 28.27 25.45
N ALA B 129 11.18 28.66 25.97
CA ALA B 129 11.59 28.21 27.30
C ALA B 129 10.62 28.68 28.37
N ASP B 130 10.15 29.93 28.26
CA ASP B 130 9.20 30.47 29.22
C ASP B 130 7.88 29.71 29.18
N TRP B 131 7.47 29.30 27.96
CA TRP B 131 6.24 28.54 27.81
C TRP B 131 6.34 27.14 28.38
N GLY B 132 7.54 26.63 28.62
CA GLY B 132 7.70 25.25 29.03
C GLY B 132 7.90 24.28 27.88
N VAL B 133 8.33 24.76 26.71
CA VAL B 133 8.61 23.88 25.59
C VAL B 133 9.78 22.96 25.93
N ASP B 134 9.63 21.67 25.59
CA ASP B 134 10.65 20.67 25.85
C ASP B 134 11.36 20.20 24.59
N LEU B 135 10.88 20.59 23.41
CA LEU B 135 11.46 20.17 22.14
C LEU B 135 11.13 21.21 21.08
N LEU B 136 12.08 21.46 20.19
CA LEU B 136 11.87 22.36 19.07
C LEU B 136 12.23 21.67 17.77
N LYS B 137 11.28 21.67 16.83
CA LYS B 137 11.50 21.27 15.45
C LYS B 137 11.70 22.55 14.64
N PHE B 138 12.84 22.67 13.97
CA PHE B 138 13.27 23.92 13.37
C PHE B 138 13.37 23.75 11.86
N ASP B 139 12.40 24.30 11.14
CA ASP B 139 12.31 24.09 9.70
C ASP B 139 13.20 25.08 8.95
N GLY B 140 13.38 24.82 7.66
CA GLY B 140 14.31 25.63 6.87
C GLY B 140 13.74 26.39 5.68
N CYS B 141 12.44 26.68 5.68
CA CYS B 141 11.86 27.38 4.54
C CYS B 141 12.23 28.86 4.55
N TYR B 142 12.15 29.47 3.37
CA TYR B 142 12.35 30.91 3.18
C TYR B 142 13.71 31.35 3.70
N CYS B 143 14.73 30.62 3.26
CA CYS B 143 16.12 30.96 3.59
C CYS B 143 16.95 30.44 2.40
N ASP B 144 17.08 31.29 1.38
CA ASP B 144 17.72 30.90 0.12
C ASP B 144 19.22 31.12 0.12
N SER B 145 19.82 31.45 1.27
CA SER B 145 21.26 31.65 1.39
C SER B 145 21.80 30.62 2.38
N LEU B 146 22.78 29.85 1.91
CA LEU B 146 23.42 28.81 2.72
C LEU B 146 24.00 29.34 4.02
N GLU B 147 24.62 30.53 3.96
CA GLU B 147 25.22 31.10 5.16
C GLU B 147 24.15 31.41 6.20
N ASN B 148 23.02 31.95 5.74
CA ASN B 148 21.92 32.22 6.66
C ASN B 148 21.36 30.93 7.24
N LEU B 149 21.19 29.90 6.41
CA LEU B 149 20.72 28.62 6.92
C LEU B 149 21.63 28.10 8.03
N ALA B 150 22.92 27.95 7.71
CA ALA B 150 23.88 27.43 8.68
C ALA B 150 23.94 28.29 9.95
N ASP B 151 24.23 29.59 9.79
CA ASP B 151 24.32 30.48 10.94
C ASP B 151 23.03 30.49 11.75
N GLY B 152 21.87 30.46 11.08
CA GLY B 152 20.61 30.44 11.81
C GLY B 152 20.46 29.19 12.65
N TYR B 153 20.77 28.03 12.07
CA TYR B 153 20.67 26.79 12.84
C TYR B 153 21.63 26.80 14.03
N LYS B 154 22.88 27.18 13.79
CA LYS B 154 23.86 27.25 14.89
C LYS B 154 23.41 28.27 15.94
N HIS B 155 22.91 29.42 15.49
CA HIS B 155 22.47 30.49 16.37
C HIS B 155 21.32 30.04 17.24
N MET B 156 20.30 29.44 16.63
CA MET B 156 19.15 28.96 17.40
C MET B 156 19.59 27.91 18.41
N SER B 157 20.53 27.05 18.02
CA SER B 157 21.07 26.07 18.96
C SER B 157 21.68 26.74 20.18
N LEU B 158 22.53 27.74 19.94
CA LEU B 158 23.16 28.44 21.07
C LEU B 158 22.13 29.22 21.87
N ALA B 159 21.14 29.82 21.20
CA ALA B 159 20.11 30.57 21.91
C ALA B 159 19.28 29.67 22.80
N LEU B 160 18.98 28.47 22.33
CA LEU B 160 18.29 27.50 23.17
C LEU B 160 19.14 27.12 24.37
N ASN B 161 20.44 26.86 24.13
CA ASN B 161 21.33 26.58 25.25
C ASN B 161 21.31 27.72 26.28
N ARG B 162 21.33 28.97 25.80
CA ARG B 162 21.42 30.12 26.70
C ARG B 162 20.21 30.21 27.62
N THR B 163 19.06 29.70 27.19
CA THR B 163 17.88 29.72 28.06
C THR B 163 18.06 28.89 29.31
N GLY B 164 19.00 27.95 29.32
CA GLY B 164 19.17 27.08 30.46
C GLY B 164 18.15 25.96 30.58
N ARG B 165 17.13 25.91 29.71
CA ARG B 165 16.15 24.85 29.74
C ARG B 165 16.55 23.73 28.80
N SER B 166 16.31 22.49 29.23
CA SER B 166 16.55 21.31 28.40
C SER B 166 15.51 21.24 27.28
N ILE B 167 15.97 21.41 26.04
CA ILE B 167 15.11 21.44 24.87
C ILE B 167 15.75 20.58 23.78
N VAL B 168 15.08 19.49 23.40
CA VAL B 168 15.52 18.72 22.25
C VAL B 168 15.46 19.59 21.00
N TYR B 169 16.54 19.63 20.24
CA TYR B 169 16.66 20.48 19.07
C TYR B 169 16.68 19.62 17.81
N SER B 170 15.57 19.67 17.07
CA SER B 170 15.34 18.86 15.86
C SER B 170 15.48 19.74 14.63
N CYS B 171 16.46 19.46 13.78
CA CYS B 171 16.85 20.34 12.69
C CYS B 171 16.48 19.74 11.35
N GLU B 172 16.25 20.60 10.36
CA GLU B 172 16.08 20.18 8.97
C GLU B 172 17.20 20.69 8.07
N TRP B 173 18.28 21.20 8.66
CA TRP B 173 19.49 21.75 8.03
C TRP B 173 20.02 20.90 6.86
N PRO B 174 20.31 19.60 7.04
CA PRO B 174 20.88 18.84 5.91
C PRO B 174 19.95 18.81 4.70
N LEU B 175 18.66 18.52 4.93
CA LEU B 175 17.68 18.47 3.84
C LEU B 175 17.68 19.77 3.02
N TYR B 176 17.78 20.91 3.70
CA TYR B 176 17.75 22.19 2.99
C TYR B 176 19.11 22.59 2.43
N MET B 177 20.18 21.89 2.79
CA MET B 177 21.49 22.16 2.18
C MET B 177 21.61 21.59 0.77
N TRP B 178 21.07 20.37 0.55
CA TRP B 178 21.21 19.54 -0.65
C TRP B 178 21.11 20.28 -1.98
N PRO B 179 20.20 21.24 -2.16
CA PRO B 179 20.15 21.96 -3.46
C PRO B 179 21.44 22.68 -3.79
N PHE B 180 22.28 22.99 -2.80
CA PHE B 180 23.48 23.77 -3.03
C PHE B 180 24.76 22.98 -2.85
N GLN B 181 24.93 22.30 -1.72
CA GLN B 181 26.11 21.50 -1.50
C GLN B 181 25.83 20.40 -0.46
N LYS B 182 26.72 19.42 -0.44
CA LYS B 182 26.56 18.30 0.47
C LYS B 182 26.82 18.75 1.90
N PRO B 183 25.99 18.34 2.85
CA PRO B 183 26.16 18.77 4.24
C PRO B 183 27.44 18.23 4.87
N ASN B 184 27.95 18.99 5.83
CA ASN B 184 29.00 18.51 6.73
C ASN B 184 28.29 17.97 7.97
N TYR B 185 28.18 16.64 8.06
CA TYR B 185 27.39 16.08 9.14
C TYR B 185 28.08 16.18 10.48
N THR B 186 29.42 16.23 10.49
CA THR B 186 30.13 16.41 11.75
C THR B 186 29.74 17.74 12.40
N GLU B 187 29.63 18.78 11.58
CA GLU B 187 29.22 20.09 12.07
C GLU B 187 27.76 20.10 12.50
N ILE B 188 26.88 19.49 11.69
CA ILE B 188 25.46 19.45 12.05
C ILE B 188 25.25 18.71 13.37
N ARG B 189 25.92 17.56 13.52
CA ARG B 189 25.83 16.82 14.77
C ARG B 189 26.30 17.67 15.94
N GLN B 190 27.29 18.53 15.70
CA GLN B 190 27.71 19.45 16.75
C GLN B 190 26.54 20.26 17.31
N TYR B 191 25.58 20.65 16.46
CA TYR B 191 24.53 21.58 16.87
C TYR B 191 23.14 20.97 17.05
N CYS B 192 22.89 19.73 16.61
CA CYS B 192 21.53 19.23 16.53
C CYS B 192 21.38 17.86 17.19
N ASN B 193 20.23 17.65 17.86
CA ASN B 193 19.93 16.34 18.44
C ASN B 193 19.47 15.34 17.40
N HIS B 194 18.77 15.78 16.36
CA HIS B 194 18.57 14.96 15.18
C HIS B 194 18.23 15.85 14.00
N TRP B 195 18.42 15.30 12.79
CA TRP B 195 18.38 16.11 11.58
C TRP B 195 17.71 15.35 10.46
N ARG B 196 16.73 16.01 9.83
CA ARG B 196 16.06 15.46 8.66
C ARG B 196 17.03 15.45 7.47
N ASN B 197 17.13 14.30 6.81
CA ASN B 197 18.05 14.17 5.68
C ASN B 197 17.37 14.26 4.33
N PHE B 198 16.12 13.82 4.21
CA PHE B 198 15.51 13.53 2.92
C PHE B 198 14.09 14.11 2.88
N ALA B 199 13.49 14.04 1.69
CA ALA B 199 12.18 14.64 1.46
C ALA B 199 11.10 14.09 2.40
N ASP B 200 10.07 14.89 2.63
CA ASP B 200 8.98 14.54 3.53
C ASP B 200 8.36 13.18 3.20
N ILE B 201 8.06 12.41 4.24
CA ILE B 201 7.31 11.17 4.07
C ILE B 201 5.84 11.49 3.79
N ASP B 202 5.19 10.60 3.05
CA ASP B 202 3.74 10.62 2.99
C ASP B 202 3.21 9.20 3.23
N ASP B 203 1.89 9.05 3.12
CA ASP B 203 1.18 7.81 3.49
C ASP B 203 1.23 6.82 2.33
N SER B 204 2.44 6.35 2.00
CA SER B 204 2.57 5.52 0.82
C SER B 204 3.81 4.63 0.89
N TRP B 205 3.69 3.44 0.31
CA TRP B 205 4.81 2.53 0.19
C TRP B 205 5.90 3.10 -0.71
N LYS B 206 5.54 3.86 -1.74
CA LYS B 206 6.52 4.54 -2.57
C LYS B 206 7.42 5.43 -1.73
N SER B 207 6.83 6.19 -0.81
CA SER B 207 7.59 7.10 0.05
C SER B 207 8.59 6.33 0.93
N ILE B 208 8.14 5.23 1.50
CA ILE B 208 9.02 4.41 2.35
C ILE B 208 10.17 3.84 1.53
N LYS B 209 9.85 3.26 0.38
CA LYS B 209 10.91 2.74 -0.49
C LYS B 209 11.91 3.83 -0.80
N SER B 210 11.44 5.04 -1.08
CA SER B 210 12.38 6.07 -1.50
C SER B 210 13.26 6.52 -0.33
N ILE B 211 12.70 6.57 0.89
CA ILE B 211 13.52 6.90 2.05
C ILE B 211 14.57 5.82 2.30
N LEU B 212 14.16 4.56 2.27
CA LEU B 212 15.12 3.46 2.47
C LEU B 212 16.20 3.47 1.41
N ASP B 213 15.82 3.65 0.14
CA ASP B 213 16.77 3.59 -0.95
C ASP B 213 17.76 4.75 -0.89
N TRP B 214 17.29 5.93 -0.49
CA TRP B 214 18.22 7.04 -0.31
C TRP B 214 19.16 6.77 0.86
N THR B 215 18.63 6.28 1.99
CA THR B 215 19.47 5.98 3.15
C THR B 215 20.54 4.96 2.80
N SER B 216 20.13 3.86 2.16
CA SER B 216 21.06 2.85 1.64
C SER B 216 22.12 3.47 0.76
N PHE B 217 21.69 4.27 -0.21
CA PHE B 217 22.61 4.84 -1.18
C PHE B 217 23.63 5.74 -0.51
N ASN B 218 23.24 6.44 0.56
CA ASN B 218 24.09 7.43 1.20
C ASN B 218 24.66 6.94 2.51
N GLN B 219 24.64 5.63 2.76
CA GLN B 219 24.91 5.18 4.12
C GLN B 219 26.37 5.39 4.50
N GLU B 220 27.26 5.42 3.51
CA GLU B 220 28.66 5.76 3.74
C GLU B 220 28.80 7.09 4.45
N ARG B 221 27.90 8.03 4.16
CA ARG B 221 28.03 9.39 4.65
C ARG B 221 27.40 9.61 6.02
N ILE B 222 26.32 8.89 6.34
CA ILE B 222 25.50 9.29 7.48
C ILE B 222 25.46 8.27 8.61
N VAL B 223 25.78 6.99 8.38
CA VAL B 223 25.55 5.97 9.41
C VAL B 223 26.45 6.22 10.62
N ASP B 224 27.73 6.48 10.38
CA ASP B 224 28.69 6.57 11.48
C ASP B 224 28.53 7.85 12.29
N VAL B 225 27.89 8.88 11.73
CA VAL B 225 27.68 10.12 12.47
C VAL B 225 26.68 9.92 13.57
N ALA B 226 25.76 8.97 13.40
CA ALA B 226 24.68 8.76 14.34
C ALA B 226 25.20 8.12 15.62
N GLY B 227 24.60 8.50 16.74
CA GLY B 227 24.93 7.97 18.03
C GLY B 227 24.25 8.79 19.12
N PRO B 228 24.40 8.38 20.39
CA PRO B 228 23.76 9.11 21.50
C PRO B 228 23.95 10.62 21.38
N GLY B 229 22.84 11.37 21.37
CA GLY B 229 22.87 12.80 21.30
C GLY B 229 22.62 13.38 19.92
N GLY B 230 22.75 12.57 18.86
CA GLY B 230 22.58 13.04 17.50
C GLY B 230 22.23 11.92 16.53
N TRP B 231 21.05 12.00 15.92
CA TRP B 231 20.51 10.91 15.13
C TRP B 231 20.12 11.37 13.74
N ASN B 232 20.21 10.44 12.79
CA ASN B 232 19.59 10.68 11.50
C ASN B 232 18.07 10.56 11.61
N ASP B 233 17.36 11.50 10.98
CA ASP B 233 15.90 11.49 11.03
C ASP B 233 15.32 11.17 9.65
N PRO B 234 14.87 9.94 9.41
CA PRO B 234 14.22 9.61 8.13
C PRO B 234 12.74 9.96 8.06
N ASP B 235 12.26 10.79 9.01
CA ASP B 235 10.90 11.33 9.08
C ASP B 235 9.92 10.39 9.79
N MET B 236 8.66 10.79 9.87
CA MET B 236 7.68 10.24 10.80
C MET B 236 7.25 8.81 10.48
N LEU B 237 6.82 8.09 11.52
CA LEU B 237 6.08 6.84 11.36
C LEU B 237 4.66 7.13 10.87
N VAL B 238 4.22 6.41 9.86
CA VAL B 238 2.88 6.61 9.32
C VAL B 238 2.02 5.36 9.48
N ILE B 239 2.46 4.44 10.33
CA ILE B 239 1.64 3.30 10.69
C ILE B 239 0.39 3.79 11.39
N GLY B 240 -0.74 3.16 11.08
CA GLY B 240 -2.01 3.56 11.64
C GLY B 240 -2.87 4.41 10.74
N ASN B 241 -2.37 4.81 9.57
CA ASN B 241 -3.09 5.68 8.67
C ASN B 241 -3.71 4.82 7.56
N PHE B 242 -3.54 5.14 6.28
CA PHE B 242 -4.37 4.56 5.23
C PHE B 242 -3.61 3.94 4.07
N GLY B 243 -2.35 4.31 3.84
CA GLY B 243 -1.69 3.99 2.59
C GLY B 243 -0.83 2.74 2.58
N LEU B 244 -0.53 2.18 3.76
CA LEU B 244 0.37 1.05 3.90
C LEU B 244 -0.42 -0.20 4.22
N SER B 245 -0.12 -1.29 3.51
CA SER B 245 -0.60 -2.60 3.91
C SER B 245 0.10 -3.02 5.20
N TRP B 246 -0.44 -4.07 5.83
CA TRP B 246 0.15 -4.58 7.07
C TRP B 246 1.63 -4.88 6.91
N ASN B 247 2.00 -5.50 5.79
CA ASN B 247 3.40 -5.86 5.58
C ASN B 247 4.27 -4.63 5.38
N GLN B 248 3.74 -3.61 4.71
CA GLN B 248 4.50 -2.38 4.55
C GLN B 248 4.64 -1.66 5.89
N GLN B 249 3.64 -1.77 6.76
CA GLN B 249 3.74 -1.20 8.10
C GLN B 249 4.82 -1.90 8.92
N VAL B 250 4.87 -3.24 8.80
CA VAL B 250 5.92 -4.00 9.46
C VAL B 250 7.28 -3.56 8.94
N THR B 251 7.38 -3.38 7.62
CA THR B 251 8.65 -2.94 7.05
C THR B 251 9.08 -1.60 7.64
N GLN B 252 8.15 -0.63 7.77
CA GLN B 252 8.56 0.66 8.33
C GLN B 252 8.99 0.51 9.79
N MET B 253 8.20 -0.20 10.60
CA MET B 253 8.58 -0.34 12.01
C MET B 253 9.94 -0.99 12.14
N ALA B 254 10.14 -2.11 11.44
CA ALA B 254 11.39 -2.86 11.53
C ALA B 254 12.57 -1.99 11.12
N LEU B 255 12.45 -1.27 10.01
CA LEU B 255 13.61 -0.57 9.48
C LEU B 255 13.86 0.74 10.23
N TRP B 256 12.83 1.35 10.80
CA TRP B 256 13.09 2.48 11.68
C TRP B 256 13.81 2.01 12.94
N ALA B 257 13.58 0.77 13.36
CA ALA B 257 14.37 0.21 14.46
C ALA B 257 15.81 0.01 14.03
N ILE B 258 16.02 -0.55 12.83
CA ILE B 258 17.37 -0.79 12.33
C ILE B 258 18.14 0.53 12.24
N MET B 259 17.47 1.60 11.83
CA MET B 259 18.16 2.85 11.53
C MET B 259 18.40 3.72 12.75
N ALA B 260 18.03 3.28 13.96
CA ALA B 260 18.11 4.14 15.13
C ALA B 260 17.42 5.48 14.86
N ALA B 261 16.22 5.40 14.29
CA ALA B 261 15.52 6.62 13.94
C ALA B 261 14.74 7.14 15.14
N PRO B 262 14.59 8.46 15.27
CA PRO B 262 13.56 8.98 16.15
C PRO B 262 12.23 8.37 15.71
N LEU B 263 11.38 8.05 16.67
CA LEU B 263 10.09 7.44 16.39
C LEU B 263 9.01 8.47 16.67
N PHE B 264 8.64 9.23 15.65
CA PHE B 264 7.56 10.20 15.76
C PHE B 264 6.36 9.67 14.98
N MET B 265 5.38 9.14 15.70
CA MET B 265 4.11 8.77 15.08
C MET B 265 3.42 10.01 14.54
N SER B 266 2.84 9.90 13.35
CA SER B 266 1.91 10.91 12.85
C SER B 266 0.65 10.19 12.38
N ASN B 267 -0.33 10.11 13.25
CA ASN B 267 -1.55 9.36 13.03
C ASN B 267 -2.65 10.00 13.87
N ASP B 268 -3.81 9.38 13.92
CA ASP B 268 -4.89 9.82 14.80
C ASP B 268 -5.06 8.76 15.87
N LEU B 269 -4.51 9.03 17.06
CA LEU B 269 -4.62 8.06 18.16
C LEU B 269 -6.06 7.77 18.55
N ARG B 270 -7.01 8.61 18.13
CA ARG B 270 -8.43 8.37 18.40
C ARG B 270 -9.03 7.32 17.47
N HIS B 271 -8.43 7.09 16.30
CA HIS B 271 -8.95 6.12 15.32
C HIS B 271 -7.76 5.32 14.81
N ILE B 272 -7.39 4.27 15.53
CA ILE B 272 -6.26 3.45 15.12
C ILE B 272 -6.60 2.01 15.42
N SER B 273 -6.30 1.12 14.47
CA SER B 273 -6.66 -0.28 14.59
C SER B 273 -5.84 -0.95 15.69
N PRO B 274 -6.38 -2.02 16.29
CA PRO B 274 -5.60 -2.77 17.28
C PRO B 274 -4.28 -3.30 16.74
N GLN B 275 -4.27 -3.78 15.49
CA GLN B 275 -3.03 -4.23 14.84
C GLN B 275 -1.97 -3.12 14.82
N ALA B 276 -2.33 -1.94 14.31
CA ALA B 276 -1.36 -0.86 14.19
C ALA B 276 -0.82 -0.46 15.55
N LYS B 277 -1.71 -0.42 16.55
CA LYS B 277 -1.30 -0.12 17.92
C LYS B 277 -0.34 -1.17 18.46
N ALA B 278 -0.64 -2.45 18.22
CA ALA B 278 0.24 -3.51 18.70
C ALA B 278 1.60 -3.41 18.03
N LEU B 279 1.64 -3.07 16.74
CA LEU B 279 2.92 -2.92 16.06
C LEU B 279 3.70 -1.72 16.62
N LEU B 280 3.05 -0.56 16.74
CA LEU B 280 3.73 0.63 17.24
C LEU B 280 4.12 0.52 18.70
N GLN B 281 3.44 -0.34 19.48
CA GLN B 281 3.77 -0.55 20.89
C GLN B 281 4.56 -1.83 21.11
N ASP B 282 5.05 -2.48 20.05
CA ASP B 282 5.83 -3.69 20.17
C ASP B 282 7.09 -3.47 21.01
N LYS B 283 7.14 -4.11 22.17
CA LYS B 283 8.17 -3.80 23.17
C LYS B 283 9.56 -4.24 22.71
N ASP B 284 9.65 -5.40 22.04
CA ASP B 284 10.95 -5.89 21.56
C ASP B 284 11.53 -5.02 20.44
N VAL B 285 10.67 -4.55 19.53
CA VAL B 285 11.15 -3.73 18.43
C VAL B 285 11.53 -2.34 18.94
N ILE B 286 10.73 -1.78 19.84
CA ILE B 286 11.09 -0.51 20.47
C ILE B 286 12.42 -0.67 21.20
N ALA B 287 12.61 -1.80 21.88
CA ALA B 287 13.89 -2.03 22.56
C ALA B 287 15.04 -2.03 21.58
N ILE B 288 14.86 -2.63 20.39
CA ILE B 288 15.93 -2.53 19.39
C ILE B 288 16.18 -1.07 19.04
N ASN B 289 15.11 -0.32 18.74
CA ASN B 289 15.32 1.07 18.35
C ASN B 289 16.04 1.86 19.44
N GLN B 290 15.76 1.53 20.70
CA GLN B 290 16.26 2.27 21.86
C GLN B 290 17.52 1.64 22.46
N ASP B 291 18.20 0.78 21.71
CA ASP B 291 19.36 0.06 22.24
C ASP B 291 20.41 1.05 22.74
N PRO B 292 20.84 0.93 24.00
CA PRO B 292 21.76 1.94 24.58
C PRO B 292 23.07 2.11 23.84
N LEU B 293 23.56 1.10 23.11
CA LEU B 293 24.76 1.28 22.30
C LEU B 293 24.60 2.44 21.32
N GLY B 294 23.42 2.58 20.72
CA GLY B 294 23.15 3.73 19.86
C GLY B 294 23.93 3.77 18.57
N LYS B 295 24.23 2.62 17.96
CA LYS B 295 24.90 2.58 16.66
C LYS B 295 23.89 2.26 15.56
N GLN B 296 23.81 3.14 14.56
CA GLN B 296 22.84 2.98 13.49
C GLN B 296 23.20 1.78 12.62
N GLY B 297 22.18 1.02 12.22
CA GLY B 297 22.34 -0.08 11.29
C GLY B 297 22.52 0.39 9.85
N TYR B 298 22.56 -0.58 8.94
CA TYR B 298 22.96 -0.30 7.56
C TYR B 298 22.48 -1.44 6.67
N GLN B 299 22.51 -1.19 5.37
CA GLN B 299 22.19 -2.25 4.42
C GLN B 299 23.42 -3.14 4.23
N LEU B 300 23.26 -4.42 4.55
CA LEU B 300 24.35 -5.37 4.39
C LEU B 300 24.40 -5.91 2.97
N ARG B 301 23.24 -6.21 2.40
CA ARG B 301 23.14 -6.95 1.16
C ARG B 301 21.98 -6.44 0.33
N GLN B 302 22.09 -6.64 -0.97
CA GLN B 302 21.07 -6.21 -1.93
C GLN B 302 21.15 -7.05 -3.19
N GLY B 303 20.02 -7.58 -3.62
CA GLY B 303 20.00 -8.34 -4.87
C GLY B 303 18.81 -9.26 -5.04
N ASP B 304 18.41 -9.50 -6.30
CA ASP B 304 17.28 -10.38 -6.60
C ASP B 304 16.02 -9.90 -5.89
N ASN B 305 15.83 -8.59 -5.88
CA ASN B 305 14.72 -7.92 -5.19
C ASN B 305 14.64 -8.29 -3.72
N PHE B 306 15.80 -8.53 -3.10
CA PHE B 306 15.93 -8.72 -1.67
C PHE B 306 16.84 -7.66 -1.09
N GLU B 307 16.61 -7.34 0.18
CA GLU B 307 17.55 -6.51 0.93
C GLU B 307 17.80 -7.14 2.29
N VAL B 308 19.04 -7.07 2.75
CA VAL B 308 19.39 -7.47 4.11
C VAL B 308 20.03 -6.27 4.79
N TRP B 309 19.44 -5.88 5.92
CA TRP B 309 19.97 -4.85 6.80
C TRP B 309 20.30 -5.47 8.16
N GLU B 310 21.25 -4.87 8.86
CA GLU B 310 21.57 -5.32 10.20
C GLU B 310 21.98 -4.13 11.05
N ARG B 311 21.85 -4.30 12.35
CA ARG B 311 22.20 -3.28 13.32
C ARG B 311 22.89 -3.94 14.50
N PRO B 312 24.09 -3.49 14.84
CA PRO B 312 24.76 -3.99 16.06
C PRO B 312 24.09 -3.45 17.32
N LEU B 313 23.86 -4.33 18.28
CA LEU B 313 23.20 -3.99 19.55
C LEU B 313 24.18 -4.18 20.71
N SER B 314 23.73 -3.79 21.90
CA SER B 314 24.55 -3.95 23.10
C SER B 314 24.81 -5.42 23.40
N GLY B 315 25.99 -5.68 23.94
CA GLY B 315 26.30 -7.02 24.42
C GLY B 315 26.31 -8.08 23.34
N LEU B 316 26.92 -7.78 22.18
CA LEU B 316 27.16 -8.75 21.11
C LEU B 316 25.87 -9.30 20.48
N ALA B 317 24.74 -8.59 20.58
CA ALA B 317 23.54 -8.98 19.87
C ALA B 317 23.40 -8.16 18.59
N TRP B 318 22.64 -8.70 17.64
CA TRP B 318 22.36 -8.00 16.39
C TRP B 318 20.88 -8.10 16.04
N ALA B 319 20.39 -7.06 15.39
CA ALA B 319 19.10 -7.14 14.71
C ALA B 319 19.36 -7.31 13.22
N VAL B 320 18.56 -8.17 12.57
CA VAL B 320 18.69 -8.42 11.14
C VAL B 320 17.31 -8.29 10.51
N ALA B 321 17.22 -7.48 9.46
CA ALA B 321 15.96 -7.29 8.74
C ALA B 321 16.16 -7.76 7.32
N MET B 322 15.22 -8.56 6.83
CA MET B 322 15.23 -9.04 5.46
C MET B 322 13.96 -8.56 4.77
N ILE B 323 14.13 -7.76 3.71
CA ILE B 323 13.04 -7.13 2.98
C ILE B 323 12.89 -7.84 1.64
N ASN B 324 11.66 -8.16 1.27
CA ASN B 324 11.31 -8.67 -0.06
C ASN B 324 10.74 -7.52 -0.87
N ARG B 325 11.50 -7.06 -1.86
CA ARG B 325 11.07 -5.93 -2.69
C ARG B 325 10.33 -6.36 -3.95
N GLN B 326 10.09 -7.64 -4.16
CA GLN B 326 9.31 -8.08 -5.30
C GLN B 326 7.84 -7.88 -5.00
N GLU B 327 7.14 -7.11 -5.83
CA GLU B 327 5.76 -6.72 -5.54
C GLU B 327 4.76 -7.55 -6.35
N ILE B 328 5.03 -8.84 -6.49
CA ILE B 328 4.16 -9.77 -7.18
C ILE B 328 4.44 -11.16 -6.60
N GLY B 329 3.46 -12.03 -6.67
CA GLY B 329 3.68 -13.38 -6.19
C GLY B 329 3.44 -13.55 -4.71
N GLY B 330 4.11 -14.54 -4.11
CA GLY B 330 3.88 -14.90 -2.73
C GLY B 330 5.17 -14.82 -1.93
N PRO B 331 5.13 -15.36 -0.72
CA PRO B 331 6.33 -15.36 0.13
C PRO B 331 7.50 -16.02 -0.57
N ARG B 332 8.64 -15.34 -0.56
CA ARG B 332 9.86 -15.80 -1.22
C ARG B 332 10.89 -16.30 -0.21
N SER B 333 11.55 -17.39 -0.56
CA SER B 333 12.54 -17.99 0.31
C SER B 333 13.86 -17.23 0.22
N TYR B 334 14.51 -17.04 1.38
CA TYR B 334 15.82 -16.41 1.43
C TYR B 334 16.65 -17.19 2.44
N THR B 335 17.87 -17.56 2.06
CA THR B 335 18.77 -18.26 2.96
C THR B 335 20.08 -17.50 3.00
N ILE B 336 20.70 -17.46 4.18
CA ILE B 336 21.99 -16.79 4.32
C ILE B 336 22.81 -17.55 5.36
N ALA B 337 24.11 -17.64 5.11
CA ALA B 337 25.02 -18.23 6.09
C ALA B 337 25.05 -17.35 7.34
N VAL B 338 24.76 -17.96 8.47
CA VAL B 338 24.68 -17.22 9.72
C VAL B 338 26.02 -16.55 10.03
N ALA B 339 27.12 -17.06 9.47
CA ALA B 339 28.43 -16.45 9.64
C ALA B 339 28.55 -15.12 8.89
N SER B 340 27.75 -14.92 7.85
CA SER B 340 27.81 -13.64 7.15
C SER B 340 27.13 -12.52 7.91
N LEU B 341 26.36 -12.84 8.95
CA LEU B 341 25.64 -11.82 9.69
C LEU B 341 26.47 -11.33 10.87
N GLY B 342 26.19 -10.08 11.26
CA GLY B 342 26.82 -9.50 12.44
C GLY B 342 28.33 -9.53 12.39
N LYS B 343 28.91 -9.24 11.23
CA LYS B 343 30.35 -9.20 11.03
C LYS B 343 31.02 -10.51 11.40
N GLY B 344 30.28 -11.62 11.38
CA GLY B 344 30.84 -12.87 11.80
C GLY B 344 30.91 -13.04 13.30
N VAL B 345 30.48 -12.03 14.07
CA VAL B 345 30.60 -12.02 15.51
C VAL B 345 29.32 -12.53 16.16
N ALA B 346 28.18 -12.27 15.49
CA ALA B 346 26.89 -12.52 16.11
C ALA B 346 26.75 -13.96 16.56
N CYS B 347 27.17 -14.90 15.73
CA CYS B 347 26.91 -16.32 15.97
C CYS B 347 28.19 -17.10 16.18
N ASN B 348 29.18 -16.46 16.81
CA ASN B 348 30.47 -17.06 17.15
C ASN B 348 30.58 -17.22 18.66
N PRO B 349 30.54 -18.44 19.22
CA PRO B 349 30.45 -19.73 18.53
C PRO B 349 29.00 -20.07 18.14
N ALA B 350 28.01 -19.44 18.79
CA ALA B 350 26.64 -19.69 18.39
C ALA B 350 25.80 -18.45 18.67
N CYS B 351 24.58 -18.48 18.19
CA CYS B 351 23.62 -17.43 18.51
C CYS B 351 22.25 -18.08 18.62
N PHE B 352 21.45 -17.52 19.52
CA PHE B 352 20.04 -17.88 19.61
C PHE B 352 19.26 -16.81 18.85
N ILE B 353 18.44 -17.24 17.89
CA ILE B 353 17.74 -16.36 16.97
C ILE B 353 16.26 -16.36 17.34
N THR B 354 15.72 -15.17 17.57
CA THR B 354 14.30 -14.96 17.82
C THR B 354 13.74 -14.13 16.69
N GLN B 355 12.74 -14.64 15.97
CA GLN B 355 12.02 -13.79 15.05
C GLN B 355 11.10 -12.87 15.85
N LEU B 356 11.11 -11.59 15.50
CA LEU B 356 10.25 -10.58 16.13
C LEU B 356 9.14 -10.11 15.21
N LEU B 357 9.39 -10.00 13.91
CA LEU B 357 8.41 -9.52 12.95
C LEU B 357 8.44 -10.43 11.73
N PRO B 358 7.28 -10.70 11.09
CA PRO B 358 5.92 -10.22 11.36
C PRO B 358 5.28 -10.81 12.62
N VAL B 359 5.75 -11.96 13.09
CA VAL B 359 5.28 -12.51 14.36
C VAL B 359 6.48 -12.93 15.20
N LYS B 360 6.28 -12.99 16.52
CA LYS B 360 7.31 -13.38 17.46
C LYS B 360 7.37 -14.89 17.57
N ARG B 361 8.53 -15.48 17.27
CA ARG B 361 8.70 -16.92 17.48
C ARG B 361 10.18 -17.23 17.61
N LYS B 362 10.53 -18.03 18.62
CA LYS B 362 11.90 -18.45 18.82
C LYS B 362 12.29 -19.45 17.73
N LEU B 363 13.42 -19.20 17.06
CA LEU B 363 13.91 -20.07 16.01
C LEU B 363 14.97 -21.07 16.48
N GLY B 364 15.66 -20.80 17.58
CA GLY B 364 16.55 -21.77 18.19
C GLY B 364 18.02 -21.36 18.09
N PHE B 365 18.90 -22.33 18.36
CA PHE B 365 20.34 -22.13 18.36
C PHE B 365 20.90 -22.38 16.97
N TYR B 366 21.73 -21.45 16.50
CA TYR B 366 22.39 -21.57 15.21
C TYR B 366 23.89 -21.44 15.44
N GLU B 367 24.64 -22.49 15.09
CA GLU B 367 26.09 -22.46 15.20
C GLU B 367 26.69 -21.60 14.10
N TRP B 368 27.94 -21.17 14.34
CA TRP B 368 28.62 -20.28 13.41
C TRP B 368 28.58 -20.80 11.97
N THR B 369 28.51 -22.12 11.78
CA THR B 369 28.51 -22.72 10.45
C THR B 369 27.12 -22.88 9.85
N SER B 370 26.06 -22.53 10.57
CA SER B 370 24.69 -22.81 10.17
C SER B 370 24.22 -21.89 9.06
N ARG B 371 23.12 -22.28 8.41
CA ARG B 371 22.38 -21.42 7.51
C ARG B 371 21.03 -21.07 8.11
N LEU B 372 20.66 -19.81 7.98
CA LEU B 372 19.36 -19.32 8.37
C LEU B 372 18.45 -19.26 7.14
N ARG B 373 17.27 -19.87 7.26
CA ARG B 373 16.30 -19.94 6.18
C ARG B 373 15.02 -19.23 6.60
N SER B 374 14.51 -18.38 5.70
CA SER B 374 13.37 -17.55 6.02
C SER B 374 12.49 -17.42 4.79
N HIS B 375 11.21 -17.11 4.99
CA HIS B 375 10.30 -16.77 3.91
C HIS B 375 9.75 -15.37 4.15
N ILE B 376 9.89 -14.47 3.18
CA ILE B 376 9.53 -13.06 3.35
C ILE B 376 8.39 -12.70 2.41
N ASN B 377 7.39 -12.01 2.95
CA ASN B 377 6.23 -11.57 2.18
C ASN B 377 6.58 -10.42 1.24
N PRO B 378 5.91 -10.35 0.09
CA PRO B 378 6.04 -9.18 -0.78
C PRO B 378 5.83 -7.86 -0.05
N THR B 379 6.82 -6.97 -0.17
CA THR B 379 6.91 -5.66 0.49
C THR B 379 6.99 -5.77 2.01
N GLY B 380 7.08 -6.99 2.52
CA GLY B 380 7.19 -7.22 3.94
C GLY B 380 8.64 -7.38 4.36
N THR B 381 8.82 -7.56 5.67
CA THR B 381 10.13 -7.68 6.28
C THR B 381 10.09 -8.72 7.38
N VAL B 382 11.14 -9.52 7.46
CA VAL B 382 11.36 -10.40 8.61
C VAL B 382 12.44 -9.76 9.48
N LEU B 383 12.11 -9.48 10.74
CA LEU B 383 13.03 -8.90 11.70
C LEU B 383 13.44 -9.98 12.71
N LEU B 384 14.73 -10.15 12.88
CA LEU B 384 15.28 -11.18 13.75
C LEU B 384 16.19 -10.54 14.76
N GLN B 385 16.28 -11.15 15.93
CA GLN B 385 17.25 -10.78 16.95
C GLN B 385 18.18 -11.96 17.18
N LEU B 386 19.47 -11.70 17.07
CA LEU B 386 20.52 -12.69 17.25
C LEU B 386 21.20 -12.38 18.57
N GLU B 387 21.22 -13.36 19.46
CA GLU B 387 21.87 -13.24 20.75
C GLU B 387 23.09 -14.14 20.73
N ASN B 388 24.25 -13.55 20.91
CA ASN B 388 25.48 -14.33 20.95
C ASN B 388 25.47 -15.25 22.16
N THR B 389 25.91 -16.48 21.95
CA THR B 389 25.89 -17.41 23.06
C THR B 389 26.97 -18.45 22.87
N MET B 390 27.55 -18.91 23.96
CA MET B 390 28.38 -20.07 23.82
C MET B 390 27.57 -21.37 23.93
N GLN B 391 26.35 -21.31 24.46
CA GLN B 391 25.54 -22.51 24.57
C GLN B 391 25.20 -23.08 23.19
N MET B 392 25.34 -24.41 23.07
CA MET B 392 25.01 -25.22 21.89
C MET B 392 24.45 -24.44 20.69
#